data_5WPH
#
_entry.id   5WPH
#
_cell.length_a   185.273
_cell.length_b   141.735
_cell.length_c   54.551
_cell.angle_alpha   90.00
_cell.angle_beta   90.59
_cell.angle_gamma   90.00
#
_symmetry.space_group_name_H-M   'C 1 2 1'
#
loop_
_entity.id
_entity.type
_entity.pdbx_description
1 polymer 'Phosphinothricin N-acetyltransferase'
2 non-polymer '(2S)-2-amino-4-[hydroxy(methyl)arsoryl]butanoic acid'
3 non-polymer 'SODIUM ION'
4 water water
#
_entity_poly.entity_id   1
_entity_poly.type   'polypeptide(L)'
_entity_poly.pdbx_seq_one_letter_code
;MHSGIDIRVARPEDAEEIQIIYAPIVLNTAISFEEAVPSVEQMRERISTTLQTYPYLVAVREGRVVGYAYASQHRARAAY
RWAVDVTVYVAEGQRRSGIARQLYDVLLPVLKRLGYRSAYAGIALPNEGSVGLHERLGFQHIGTFPQVGFKLDAWHDVGY
WRFDFGDEGLHPEAPLGFLSQIPLGPEQKLISEEDLNSAVDHHHHHH
;
_entity_poly.pdbx_strand_id   A,B,C,D,E,F
#
loop_
_chem_comp.id
_chem_comp.type
_chem_comp.name
_chem_comp.formula
BLJ non-polymer '(2S)-2-amino-4-[hydroxy(methyl)arsoryl]butanoic acid' 'C5 H12 As N O4'
NA non-polymer 'SODIUM ION' 'Na 1'
#
# COMPACT_ATOMS: atom_id res chain seq x y z
N GLY A 4 -2.96 8.71 37.45
CA GLY A 4 -3.52 9.24 36.18
C GLY A 4 -2.90 8.50 34.99
N ILE A 5 -2.31 9.26 34.09
CA ILE A 5 -1.44 8.75 33.00
C ILE A 5 -2.11 7.91 31.91
N ASP A 6 -2.20 8.47 30.70
CA ASP A 6 -2.60 7.70 29.54
C ASP A 6 -1.48 7.68 28.49
N ILE A 7 -1.23 6.51 27.89
CA ILE A 7 -0.22 6.43 26.82
C ILE A 7 -0.93 6.51 25.47
N ARG A 8 -0.43 7.34 24.57
CA ARG A 8 -1.02 7.39 23.27
C ARG A 8 0.01 7.65 22.19
N VAL A 9 -0.40 7.47 20.93
CA VAL A 9 0.48 7.79 19.84
C VAL A 9 0.76 9.28 19.78
N ALA A 10 2.03 9.63 19.53
CA ALA A 10 2.46 11.03 19.46
C ALA A 10 2.02 11.66 18.14
N ARG A 11 1.94 12.98 18.12
CA ARG A 11 1.60 13.75 16.95
C ARG A 11 2.56 14.92 16.87
N PRO A 12 2.84 15.41 15.64
CA PRO A 12 3.67 16.58 15.41
C PRO A 12 3.30 17.78 16.33
N GLU A 13 2.04 17.92 16.68
CA GLU A 13 1.63 18.98 17.62
C GLU A 13 2.19 18.82 19.03
N ASP A 14 2.74 17.64 19.35
CA ASP A 14 3.37 17.40 20.66
C ASP A 14 4.81 17.92 20.70
N ALA A 15 5.29 18.43 19.58
CA ALA A 15 6.68 18.82 19.40
C ALA A 15 7.12 19.78 20.49
N GLU A 16 6.24 20.73 20.81
CA GLU A 16 6.55 21.81 21.75
C GLU A 16 6.83 21.25 23.15
N GLU A 17 5.93 20.40 23.65
CA GLU A 17 6.16 19.87 24.99
C GLU A 17 7.32 18.90 25.01
N ILE A 18 7.52 18.20 23.90
CA ILE A 18 8.59 17.19 23.81
C ILE A 18 9.94 17.91 23.83
N GLN A 19 10.04 18.95 23.03
CA GLN A 19 11.23 19.80 22.97
C GLN A 19 11.53 20.38 24.37
N ILE A 20 10.48 20.76 25.11
CA ILE A 20 10.69 21.34 26.44
C ILE A 20 11.27 20.32 27.41
N ILE A 21 10.86 19.07 27.25
CA ILE A 21 11.41 17.98 28.03
C ILE A 21 12.86 17.72 27.67
N TYR A 22 13.12 17.75 26.37
CA TYR A 22 14.38 17.27 25.83
C TYR A 22 15.50 18.31 25.86
N ALA A 23 15.16 19.58 25.65
CA ALA A 23 16.19 20.65 25.57
C ALA A 23 17.15 20.75 26.78
N PRO A 24 16.65 20.64 28.03
CA PRO A 24 17.65 20.75 29.12
C PRO A 24 18.51 19.51 29.23
N ILE A 25 18.01 18.38 28.75
CA ILE A 25 18.79 17.15 28.75
C ILE A 25 19.99 17.27 27.80
N VAL A 26 19.76 17.90 26.67
CA VAL A 26 20.85 18.15 25.72
C VAL A 26 21.80 19.23 26.29
N LEU A 27 21.23 20.26 26.87
CA LEU A 27 21.96 21.39 27.41
C LEU A 27 22.92 21.04 28.52
N ASN A 28 22.43 20.42 29.55
CA ASN A 28 23.17 20.33 30.80
C ASN A 28 23.36 18.91 31.35
N THR A 29 23.11 17.88 30.54
CA THR A 29 23.39 16.50 31.00
C THR A 29 24.14 15.66 29.95
N ALA A 30 24.71 14.55 30.37
CA ALA A 30 25.31 13.62 29.42
C ALA A 30 24.32 12.48 29.09
N ILE A 31 23.06 12.65 29.46
CA ILE A 31 22.03 11.66 29.17
C ILE A 31 21.95 11.45 27.65
N SER A 32 21.93 12.56 26.93
CA SER A 32 22.01 12.53 25.50
C SER A 32 23.35 13.04 25.01
N PHE A 33 23.84 12.43 23.95
CA PHE A 33 25.12 12.82 23.40
C PHE A 33 24.99 13.91 22.33
N GLU A 34 23.77 14.41 22.14
CA GLU A 34 23.61 15.61 21.30
C GLU A 34 24.21 16.83 22.00
N GLU A 35 24.66 17.81 21.23
CA GLU A 35 25.33 18.96 21.85
C GLU A 35 24.49 20.23 21.74
N ALA A 36 23.96 20.48 20.57
CA ALA A 36 23.13 21.66 20.31
C ALA A 36 21.65 21.37 20.58
N VAL A 37 21.02 22.21 21.38
CA VAL A 37 19.60 22.12 21.68
C VAL A 37 18.79 22.12 20.38
N PRO A 38 18.06 21.03 20.10
CA PRO A 38 17.21 20.98 18.90
C PRO A 38 16.03 21.92 19.06
N SER A 39 15.66 22.59 17.97
CA SER A 39 14.51 23.48 17.99
C SER A 39 13.22 22.69 18.01
N VAL A 40 12.14 23.39 18.36
CA VAL A 40 10.81 22.87 18.23
C VAL A 40 10.53 22.32 16.84
N GLU A 41 10.91 23.09 15.82
CA GLU A 41 10.65 22.68 14.42
C GLU A 41 11.41 21.40 14.09
N GLN A 42 12.59 21.23 14.68
CA GLN A 42 13.34 20.02 14.46
C GLN A 42 12.64 18.80 15.08
N MET A 43 12.20 18.94 16.34
CA MET A 43 11.55 17.82 17.01
C MET A 43 10.28 17.45 16.25
N ARG A 44 9.63 18.45 15.65
CA ARG A 44 8.40 18.20 14.90
C ARG A 44 8.71 17.25 13.73
N GLU A 45 9.81 17.52 13.04
CA GLU A 45 10.20 16.73 11.88
C GLU A 45 10.66 15.33 12.29
N ARG A 46 11.34 15.23 13.44
CA ARG A 46 11.78 13.94 13.98
C ARG A 46 10.57 13.04 14.28
N ILE A 47 9.51 13.65 14.84
CA ILE A 47 8.27 12.92 15.13
C ILE A 47 7.65 12.34 13.85
N SER A 48 7.47 13.19 12.85
CA SER A 48 6.86 12.79 11.58
C SER A 48 7.66 11.72 10.84
N THR A 49 8.96 11.91 10.77
CA THR A 49 9.82 10.95 10.09
C THR A 49 9.78 9.58 10.80
N THR A 50 9.92 9.59 12.13
CA THR A 50 9.85 8.36 12.92
C THR A 50 8.54 7.58 12.68
N LEU A 51 7.43 8.31 12.63
CA LEU A 51 6.11 7.70 12.45
C LEU A 51 5.92 7.06 11.09
N GLN A 52 6.70 7.47 10.11
CA GLN A 52 6.68 6.82 8.79
C GLN A 52 7.01 5.30 8.92
N THR A 53 7.69 4.93 9.99
CA THR A 53 8.02 3.50 10.15
C THR A 53 7.87 2.92 11.58
N TYR A 54 8.03 3.74 12.62
CA TYR A 54 8.16 3.24 13.99
C TYR A 54 7.12 3.86 14.90
N PRO A 55 6.78 3.19 16.02
CA PRO A 55 5.95 3.88 17.00
C PRO A 55 6.66 5.06 17.65
N TYR A 56 5.88 6.11 17.91
CA TYR A 56 6.33 7.23 18.73
C TYR A 56 5.19 7.48 19.69
N LEU A 57 5.49 7.47 20.99
CA LEU A 57 4.46 7.54 22.04
C LEU A 57 4.68 8.70 23.01
N VAL A 58 3.59 9.27 23.54
CA VAL A 58 3.66 10.20 24.66
C VAL A 58 2.83 9.69 25.84
N ALA A 59 3.28 10.04 27.04
CA ALA A 59 2.53 9.75 28.23
C ALA A 59 1.92 11.11 28.56
N VAL A 60 0.64 11.13 28.95
CA VAL A 60 -0.01 12.39 29.25
C VAL A 60 -0.73 12.32 30.57
N ARG A 61 -0.71 13.43 31.31
CA ARG A 61 -1.41 13.55 32.59
C ARG A 61 -2.13 14.90 32.61
N GLU A 62 -3.46 14.84 32.62
CA GLU A 62 -4.31 16.04 32.51
C GLU A 62 -3.94 16.93 31.31
N GLY A 63 -3.92 16.30 30.13
CA GLY A 63 -3.72 17.01 28.89
C GLY A 63 -2.30 17.46 28.56
N ARG A 64 -1.36 17.26 29.48
CA ARG A 64 0.03 17.64 29.19
C ARG A 64 0.98 16.44 29.05
N VAL A 65 1.94 16.57 28.15
CA VAL A 65 2.91 15.50 27.89
C VAL A 65 3.93 15.45 29.03
N VAL A 66 3.95 14.35 29.77
CA VAL A 66 4.94 14.21 30.84
C VAL A 66 6.11 13.27 30.52
N GLY A 67 6.07 12.66 29.34
CA GLY A 67 7.16 11.80 28.87
C GLY A 67 6.88 11.31 27.46
N TYR A 68 7.89 10.81 26.78
CA TYR A 68 7.67 10.24 25.45
C TYR A 68 8.63 9.07 25.21
N ALA A 69 8.37 8.33 24.14
CA ALA A 69 9.18 7.15 23.80
C ALA A 69 9.09 6.94 22.31
N TYR A 70 10.20 6.52 21.71
CA TYR A 70 10.13 6.13 20.31
C TYR A 70 11.14 5.04 19.97
N ALA A 71 10.94 4.38 18.84
CA ALA A 71 11.88 3.41 18.35
C ALA A 71 12.59 3.96 17.11
N SER A 72 13.76 3.40 16.82
CA SER A 72 14.53 3.77 15.63
C SER A 72 15.40 2.60 15.19
N GLN A 73 16.09 2.77 14.06
CA GLN A 73 16.86 1.71 13.48
C GLN A 73 18.09 1.41 14.30
N HIS A 74 18.36 0.12 14.53
CA HIS A 74 19.52 -0.24 15.38
C HIS A 74 20.82 -0.04 14.56
N ARG A 75 20.85 -0.60 13.35
CA ARG A 75 21.99 -0.45 12.45
C ARG A 75 21.54 -0.47 10.99
N ALA A 76 22.40 -0.02 10.09
CA ALA A 76 21.99 0.21 8.72
C ALA A 76 21.91 -1.03 7.84
N ARG A 77 22.78 -2.00 8.04
CA ARG A 77 22.87 -3.12 7.13
C ARG A 77 21.71 -4.09 7.22
N ALA A 78 21.30 -4.60 6.07
CA ALA A 78 20.15 -5.48 5.96
C ALA A 78 19.93 -6.52 7.07
N ALA A 79 20.96 -7.33 7.40
CA ALA A 79 20.77 -8.44 8.35
C ALA A 79 20.36 -8.04 9.76
N TYR A 80 20.55 -6.75 10.09
CA TYR A 80 20.22 -6.18 11.39
C TYR A 80 18.72 -5.78 11.53
N ARG A 81 17.91 -6.00 10.49
CA ARG A 81 16.61 -5.35 10.41
C ARG A 81 15.56 -5.83 11.43
N TRP A 82 15.87 -6.90 12.12
CA TRP A 82 15.06 -7.37 13.24
C TRP A 82 15.52 -6.76 14.58
N ALA A 83 16.58 -5.96 14.55
CA ALA A 83 17.02 -5.25 15.76
C ALA A 83 16.52 -3.84 15.73
N VAL A 84 16.03 -3.34 16.86
CA VAL A 84 15.50 -1.98 16.92
C VAL A 84 16.01 -1.24 18.15
N ASP A 85 16.23 0.07 18.01
CA ASP A 85 16.63 0.88 19.19
C ASP A 85 15.43 1.52 19.87
N VAL A 86 15.45 1.62 21.19
CA VAL A 86 14.37 2.30 21.89
C VAL A 86 14.91 3.47 22.72
N THR A 87 14.12 4.53 22.76
CA THR A 87 14.49 5.73 23.51
C THR A 87 13.33 6.20 24.40
N VAL A 88 13.58 6.50 25.67
CA VAL A 88 12.50 6.96 26.57
C VAL A 88 13.00 8.15 27.38
N TYR A 89 12.15 9.16 27.54
CA TYR A 89 12.44 10.32 28.38
C TYR A 89 11.24 10.73 29.19
N VAL A 90 11.49 11.21 30.41
CA VAL A 90 10.40 11.63 31.29
C VAL A 90 10.74 13.03 31.76
N ALA A 91 9.74 13.91 31.79
CA ALA A 91 9.93 15.27 32.34
C ALA A 91 10.49 15.26 33.76
N GLU A 92 11.40 16.19 34.04
CA GLU A 92 11.91 16.38 35.40
C GLU A 92 10.76 16.70 36.35
N GLY A 93 10.76 16.09 37.52
CA GLY A 93 9.68 16.29 38.48
C GLY A 93 8.56 15.29 38.36
N GLN A 94 8.61 14.44 37.33
CA GLN A 94 7.59 13.40 37.15
C GLN A 94 8.24 12.01 37.05
N ARG A 95 9.47 11.90 37.54
CA ARG A 95 10.18 10.65 37.45
C ARG A 95 9.88 9.80 38.67
N ARG A 96 10.34 8.56 38.67
CA ARG A 96 10.04 7.62 39.77
C ARG A 96 8.53 7.31 39.96
N SER A 97 7.63 8.15 39.42
CA SER A 97 6.18 7.92 39.42
C SER A 97 5.72 6.96 38.28
N GLY A 98 6.65 6.12 37.80
CA GLY A 98 6.35 5.01 36.91
C GLY A 98 6.07 5.32 35.45
N ILE A 99 6.43 6.51 35.00
CA ILE A 99 6.09 6.91 33.64
C ILE A 99 6.86 6.15 32.54
N ALA A 100 8.14 5.92 32.78
CA ALA A 100 8.98 5.30 31.77
C ALA A 100 8.57 3.85 31.67
N ARG A 101 8.34 3.23 32.81
CA ARG A 101 7.78 1.89 32.87
C ARG A 101 6.51 1.74 32.03
N GLN A 102 5.54 2.64 32.20
CA GLN A 102 4.30 2.55 31.43
C GLN A 102 4.54 2.72 29.93
N LEU A 103 5.40 3.69 29.60
CA LEU A 103 5.78 3.89 28.19
C LEU A 103 6.30 2.57 27.59
N TYR A 104 7.19 1.92 28.30
CA TYR A 104 7.83 0.69 27.81
C TYR A 104 6.85 -0.44 27.72
N ASP A 105 5.96 -0.55 28.72
CA ASP A 105 4.96 -1.61 28.76
C ASP A 105 3.99 -1.51 27.58
N VAL A 106 3.97 -0.34 26.93
CA VAL A 106 3.24 -0.18 25.68
C VAL A 106 4.14 -0.33 24.44
N LEU A 107 5.33 0.26 24.49
CA LEU A 107 6.23 0.25 23.34
C LEU A 107 6.77 -1.19 23.00
N LEU A 108 7.15 -1.92 24.01
CA LEU A 108 7.72 -3.25 23.81
C LEU A 108 6.75 -4.23 23.09
N PRO A 109 5.49 -4.40 23.61
CA PRO A 109 4.54 -5.24 22.88
C PRO A 109 4.23 -4.74 21.46
N VAL A 110 4.13 -3.42 21.26
CA VAL A 110 3.99 -2.90 19.91
C VAL A 110 5.12 -3.41 18.98
N LEU A 111 6.37 -3.30 19.43
CA LEU A 111 7.51 -3.71 18.63
C LEU A 111 7.51 -5.23 18.34
N LYS A 112 7.15 -6.02 19.34
CA LYS A 112 7.09 -7.47 19.18
C LYS A 112 6.12 -7.78 18.07
N ARG A 113 4.94 -7.17 18.10
N ARG A 113 4.98 -7.10 18.13
CA ARG A 113 3.92 -7.50 17.08
CA ARG A 113 3.85 -7.29 17.22
C ARG A 113 4.31 -6.97 15.70
C ARG A 113 4.16 -6.82 15.79
N LEU A 114 5.19 -5.99 15.64
CA LEU A 114 5.68 -5.54 14.33
C LEU A 114 6.68 -6.54 13.68
N GLY A 115 7.25 -7.44 14.46
CA GLY A 115 8.23 -8.41 13.90
C GLY A 115 9.65 -8.28 14.42
N TYR A 116 9.92 -7.33 15.33
CA TYR A 116 11.26 -7.19 15.88
C TYR A 116 11.59 -8.31 16.84
N ARG A 117 12.85 -8.72 16.86
CA ARG A 117 13.29 -9.82 17.73
C ARG A 117 14.01 -9.31 18.95
N SER A 118 14.59 -8.11 18.86
CA SER A 118 15.19 -7.50 20.05
C SER A 118 15.20 -5.99 20.03
N ALA A 119 15.11 -5.37 21.21
CA ALA A 119 15.18 -3.93 21.33
C ALA A 119 16.37 -3.55 22.20
N TYR A 120 17.06 -2.47 21.85
CA TYR A 120 18.27 -2.07 22.58
C TYR A 120 18.09 -0.68 23.16
N ALA A 121 18.40 -0.53 24.45
CA ALA A 121 18.48 0.80 25.05
C ALA A 121 19.94 1.16 25.32
N GLY A 122 20.35 2.32 24.83
CA GLY A 122 21.67 2.86 25.10
C GLY A 122 21.60 3.80 26.30
N ILE A 123 22.45 3.58 27.29
CA ILE A 123 22.35 4.36 28.51
C ILE A 123 23.72 4.90 28.83
N ALA A 124 23.85 6.22 28.89
CA ALA A 124 25.10 6.79 29.41
C ALA A 124 25.22 6.50 30.89
N LEU A 125 26.39 6.02 31.30
CA LEU A 125 26.65 5.57 32.66
C LEU A 125 27.62 6.51 33.35
N PRO A 126 27.49 6.65 34.69
CA PRO A 126 26.44 6.00 35.49
C PRO A 126 25.07 6.66 35.35
N ASN A 127 24.03 5.89 35.55
CA ASN A 127 22.67 6.36 35.68
C ASN A 127 21.91 5.22 36.38
N GLU A 128 22.07 5.13 37.70
CA GLU A 128 21.55 3.99 38.42
C GLU A 128 20.04 3.85 38.31
N GLY A 129 19.32 4.98 38.24
CA GLY A 129 17.85 4.91 38.14
C GLY A 129 17.41 4.37 36.79
N SER A 130 18.10 4.75 35.72
CA SER A 130 17.76 4.19 34.42
C SER A 130 18.16 2.69 34.31
N VAL A 131 19.35 2.34 34.76
CA VAL A 131 19.73 0.92 34.82
C VAL A 131 18.72 0.07 35.63
N GLY A 132 18.34 0.56 36.82
CA GLY A 132 17.41 -0.15 37.67
C GLY A 132 16.11 -0.44 36.94
N LEU A 133 15.58 0.57 36.27
CA LEU A 133 14.36 0.45 35.52
C LEU A 133 14.50 -0.62 34.42
N HIS A 134 15.60 -0.58 33.67
CA HIS A 134 15.73 -1.57 32.61
C HIS A 134 15.90 -3.01 33.16
N GLU A 135 16.66 -3.14 34.27
CA GLU A 135 16.81 -4.43 34.95
C GLU A 135 15.42 -4.93 35.40
N ARG A 136 14.60 -4.03 35.96
CA ARG A 136 13.27 -4.46 36.41
C ARG A 136 12.35 -4.86 35.24
N LEU A 137 12.53 -4.24 34.08
CA LEU A 137 11.70 -4.53 32.93
C LEU A 137 12.13 -5.83 32.25
N GLY A 138 13.27 -6.36 32.65
CA GLY A 138 13.75 -7.60 32.06
C GLY A 138 14.76 -7.44 30.95
N PHE A 139 15.30 -6.22 30.72
CA PHE A 139 16.42 -6.07 29.79
C PHE A 139 17.65 -6.73 30.39
N GLN A 140 18.57 -7.19 29.54
CA GLN A 140 19.89 -7.63 30.01
C GLN A 140 21.04 -6.75 29.50
N HIS A 141 21.99 -6.46 30.38
CA HIS A 141 23.10 -5.60 30.06
C HIS A 141 24.10 -6.42 29.23
N ILE A 142 24.35 -6.04 27.99
CA ILE A 142 25.13 -6.94 27.14
C ILE A 142 26.50 -6.38 26.79
N GLY A 143 26.78 -5.13 27.22
CA GLY A 143 28.06 -4.54 26.91
C GLY A 143 28.17 -3.08 27.28
N THR A 144 29.39 -2.60 27.45
CA THR A 144 29.66 -1.22 27.76
C THR A 144 30.81 -0.67 26.93
N PHE A 145 30.52 0.41 26.21
CA PHE A 145 31.51 1.14 25.47
C PHE A 145 32.13 2.22 26.40
N PRO A 146 33.37 1.97 26.88
CA PRO A 146 33.92 2.83 27.95
C PRO A 146 34.47 4.12 27.35
N GLN A 147 34.13 5.25 27.95
CA GLN A 147 34.68 6.55 27.57
C GLN A 147 34.56 6.80 26.09
N VAL A 148 33.45 6.37 25.52
CA VAL A 148 33.23 6.44 24.09
C VAL A 148 32.80 7.85 23.68
N GLY A 149 32.27 8.62 24.62
CA GLY A 149 31.81 9.97 24.32
C GLY A 149 32.46 11.03 25.18
N PHE A 150 32.58 12.24 24.65
CA PHE A 150 33.08 13.36 25.46
C PHE A 150 32.06 14.47 25.46
N LYS A 151 31.67 14.88 26.65
CA LYS A 151 30.67 15.93 26.78
C LYS A 151 30.74 16.49 28.18
N LEU A 152 30.61 17.81 28.27
CA LEU A 152 30.55 18.52 29.52
C LEU A 152 31.77 18.21 30.39
N ASP A 153 32.95 18.31 29.77
CA ASP A 153 34.24 18.14 30.45
C ASP A 153 34.48 16.77 31.07
N ALA A 154 33.86 15.73 30.52
CA ALA A 154 34.15 14.37 30.96
C ALA A 154 34.00 13.36 29.84
N TRP A 155 34.70 12.23 29.95
CA TRP A 155 34.46 11.09 29.10
C TRP A 155 33.38 10.21 29.71
N HIS A 156 32.55 9.59 28.86
CA HIS A 156 31.38 8.85 29.33
C HIS A 156 31.25 7.44 28.75
N ASP A 157 30.97 6.48 29.62
CA ASP A 157 30.65 5.11 29.22
C ASP A 157 29.25 5.12 28.68
N VAL A 158 28.99 4.23 27.71
CA VAL A 158 27.64 3.99 27.25
C VAL A 158 27.36 2.50 27.27
N GLY A 159 26.42 2.08 28.13
CA GLY A 159 26.03 0.69 28.21
C GLY A 159 24.81 0.41 27.37
N TYR A 160 24.69 -0.82 26.87
CA TYR A 160 23.53 -1.25 26.12
C TYR A 160 22.76 -2.34 26.83
N TRP A 161 21.44 -2.18 26.86
CA TRP A 161 20.55 -3.11 27.50
C TRP A 161 19.66 -3.67 26.40
N ARG A 162 19.51 -4.99 26.39
CA ARG A 162 18.77 -5.70 25.34
C ARG A 162 17.50 -6.30 25.96
N PHE A 163 16.35 -6.03 25.35
CA PHE A 163 15.12 -6.78 25.63
C PHE A 163 14.93 -7.79 24.51
N ASP A 164 14.87 -9.06 24.85
CA ASP A 164 14.72 -10.12 23.85
C ASP A 164 13.26 -10.48 23.67
N PHE A 165 12.70 -10.23 22.50
CA PHE A 165 11.30 -10.60 22.23
C PHE A 165 11.11 -12.12 22.03
N GLY A 166 12.21 -12.83 21.77
CA GLY A 166 12.15 -14.28 21.52
C GLY A 166 11.71 -14.59 20.11
N ASP A 167 11.38 -15.84 19.85
CA ASP A 167 11.03 -16.24 18.47
C ASP A 167 12.16 -15.89 17.50
N GLU A 168 13.39 -16.24 17.89
CA GLU A 168 14.48 -16.26 16.92
C GLU A 168 14.41 -17.57 16.11
N GLY A 169 13.31 -17.74 15.38
CA GLY A 169 13.04 -18.94 14.59
C GLY A 169 13.83 -19.00 13.31
N LEU A 170 13.43 -19.90 12.41
CA LEU A 170 14.26 -20.20 11.24
C LEU A 170 13.90 -19.45 9.95
N HIS A 171 12.72 -18.85 9.89
CA HIS A 171 12.35 -18.13 8.69
C HIS A 171 11.64 -16.81 8.98
N PRO A 172 12.35 -15.89 9.64
CA PRO A 172 11.69 -14.67 10.10
C PRO A 172 11.33 -13.80 8.91
N GLU A 173 10.21 -13.11 9.02
CA GLU A 173 9.79 -12.19 8.00
C GLU A 173 10.14 -10.77 8.42
N ALA A 174 10.45 -9.94 7.45
CA ALA A 174 10.82 -8.56 7.70
C ALA A 174 9.76 -7.85 8.53
N PRO A 175 10.18 -7.02 9.49
CA PRO A 175 9.23 -6.28 10.32
C PRO A 175 8.28 -5.39 9.50
N LEU A 176 7.08 -5.13 10.01
CA LEU A 176 6.14 -4.24 9.31
C LEU A 176 6.15 -2.79 9.85
N GLY A 177 5.57 -1.88 9.09
CA GLY A 177 5.49 -0.49 9.50
C GLY A 177 4.52 -0.30 10.67
N PHE A 178 4.90 0.54 11.61
CA PHE A 178 3.89 1.05 12.55
C PHE A 178 2.98 1.84 11.62
N LEU A 179 1.72 1.47 11.58
CA LEU A 179 0.75 2.14 10.71
C LEU A 179 1.01 2.28 9.17
N SER A 180 2.17 2.01 8.62
CA SER A 180 2.34 2.32 7.18
C SER A 180 3.35 1.61 6.26
N GLN A 181 4.57 2.12 6.21
CA GLN A 181 5.48 1.92 5.07
C GLN A 181 6.31 0.62 5.00
N ILE A 182 6.76 0.28 3.80
CA ILE A 182 7.54 -0.93 3.58
C ILE A 182 8.78 -0.66 2.71
N GLY B 4 56.47 -9.80 0.00
CA GLY B 4 56.23 -10.14 1.41
C GLY B 4 55.06 -9.30 1.93
N ILE B 5 54.17 -8.90 1.02
CA ILE B 5 53.01 -8.03 1.36
C ILE B 5 53.34 -6.59 1.76
N ASP B 6 52.79 -5.64 1.01
CA ASP B 6 52.95 -4.22 1.25
C ASP B 6 51.60 -3.49 1.38
N ILE B 7 51.56 -2.51 2.26
CA ILE B 7 50.34 -1.75 2.53
C ILE B 7 50.42 -0.35 1.92
N ARG B 8 49.38 0.07 1.23
CA ARG B 8 49.33 1.38 0.59
C ARG B 8 47.91 1.89 0.67
N VAL B 9 47.72 3.22 0.50
CA VAL B 9 46.36 3.67 0.60
C VAL B 9 45.59 3.26 -0.67
N ALA B 10 44.31 2.94 -0.50
CA ALA B 10 43.51 2.38 -1.57
C ALA B 10 43.08 3.50 -2.54
N ARG B 11 42.69 3.13 -3.75
CA ARG B 11 42.20 4.08 -4.73
C ARG B 11 41.00 3.49 -5.46
N PRO B 12 40.05 4.33 -5.87
CA PRO B 12 38.85 3.78 -6.51
C PRO B 12 39.14 2.79 -7.64
N GLU B 13 40.29 2.96 -8.30
CA GLU B 13 40.66 2.02 -9.34
C GLU B 13 40.95 0.62 -8.78
N ASP B 14 40.96 0.47 -7.46
CA ASP B 14 41.17 -0.85 -6.85
C ASP B 14 39.84 -1.59 -6.64
N ALA B 15 38.73 -0.98 -7.05
CA ALA B 15 37.40 -1.49 -6.67
C ALA B 15 37.15 -2.93 -7.13
N GLU B 16 37.43 -3.25 -8.39
CA GLU B 16 37.17 -4.62 -8.85
C GLU B 16 37.98 -5.67 -8.12
N GLU B 17 39.21 -5.32 -7.72
CA GLU B 17 40.02 -6.25 -6.89
C GLU B 17 39.49 -6.40 -5.46
N ILE B 18 39.06 -5.29 -4.88
CA ILE B 18 38.45 -5.31 -3.53
C ILE B 18 37.18 -6.17 -3.54
N GLN B 19 36.43 -6.03 -4.64
CA GLN B 19 35.17 -6.75 -4.83
C GLN B 19 35.38 -8.27 -4.86
N ILE B 20 36.50 -8.72 -5.42
CA ILE B 20 36.81 -10.15 -5.43
C ILE B 20 36.83 -10.70 -4.00
N ILE B 21 37.22 -9.83 -3.08
CA ILE B 21 37.27 -10.16 -1.65
C ILE B 21 35.90 -9.99 -0.99
N TYR B 22 35.25 -8.87 -1.28
CA TYR B 22 33.99 -8.57 -0.60
C TYR B 22 32.79 -9.41 -1.08
N ALA B 23 32.61 -9.52 -2.40
CA ALA B 23 31.53 -10.36 -2.96
C ALA B 23 31.23 -11.74 -2.24
N PRO B 24 32.24 -12.60 -2.08
CA PRO B 24 31.90 -13.87 -1.43
C PRO B 24 31.62 -13.72 0.07
N ILE B 25 32.14 -12.65 0.66
CA ILE B 25 31.88 -12.37 2.05
C ILE B 25 30.38 -12.04 2.19
N VAL B 26 29.89 -11.19 1.28
CA VAL B 26 28.50 -10.82 1.29
C VAL B 26 27.59 -12.02 0.94
N LEU B 27 27.93 -12.76 -0.11
CA LEU B 27 27.08 -13.86 -0.59
C LEU B 27 27.02 -15.07 0.31
N ASN B 28 28.14 -15.42 0.95
CA ASN B 28 28.20 -16.72 1.60
C ASN B 28 28.74 -16.80 3.03
N THR B 29 28.94 -15.66 3.68
CA THR B 29 29.35 -15.62 5.09
C THR B 29 28.50 -14.61 5.89
N ALA B 30 28.64 -14.65 7.20
CA ALA B 30 28.03 -13.65 8.08
C ALA B 30 29.07 -12.63 8.49
N ILE B 31 30.21 -12.65 7.80
CA ILE B 31 31.32 -11.76 8.15
C ILE B 31 30.90 -10.32 7.91
N SER B 32 30.02 -10.16 6.92
CA SER B 32 29.37 -8.88 6.69
C SER B 32 27.88 -9.09 6.73
N PHE B 33 27.15 -8.11 7.27
CA PHE B 33 25.70 -8.23 7.40
C PHE B 33 24.99 -7.60 6.18
N GLU B 34 25.76 -7.13 5.21
CA GLU B 34 25.17 -6.76 3.93
C GLU B 34 24.68 -8.04 3.26
N GLU B 35 23.71 -7.90 2.35
CA GLU B 35 23.08 -9.09 1.73
C GLU B 35 23.23 -9.08 0.18
N ALA B 36 23.27 -7.91 -0.39
CA ALA B 36 23.48 -7.71 -1.82
C ALA B 36 24.89 -7.22 -2.09
N VAL B 37 25.56 -7.78 -3.09
CA VAL B 37 26.90 -7.35 -3.46
C VAL B 37 26.79 -5.97 -4.11
N PRO B 38 27.53 -4.99 -3.60
CA PRO B 38 27.53 -3.63 -4.18
C PRO B 38 28.08 -3.69 -5.62
N SER B 39 27.57 -2.84 -6.49
CA SER B 39 28.10 -2.76 -7.85
C SER B 39 29.51 -2.14 -7.84
N VAL B 40 30.28 -2.36 -8.89
CA VAL B 40 31.62 -1.81 -8.96
C VAL B 40 31.58 -0.29 -8.84
N GLU B 41 30.58 0.32 -9.45
CA GLU B 41 30.37 1.76 -9.34
C GLU B 41 30.15 2.16 -7.87
N GLN B 42 29.39 1.33 -7.15
CA GLN B 42 29.12 1.62 -5.76
C GLN B 42 30.41 1.52 -4.94
N MET B 43 31.17 0.44 -5.15
CA MET B 43 32.43 0.28 -4.48
C MET B 43 33.40 1.45 -4.76
N ARG B 44 33.40 1.95 -5.98
CA ARG B 44 34.21 3.11 -6.33
C ARG B 44 33.82 4.28 -5.43
N GLU B 45 32.52 4.53 -5.32
CA GLU B 45 32.04 5.68 -4.55
C GLU B 45 32.30 5.50 -3.07
N ARG B 46 32.27 4.26 -2.60
CA ARG B 46 32.54 3.96 -1.18
C ARG B 46 33.96 4.30 -0.83
N ILE B 47 34.90 3.77 -1.63
CA ILE B 47 36.32 4.04 -1.42
C ILE B 47 36.53 5.55 -1.45
N SER B 48 36.02 6.19 -2.50
CA SER B 48 36.21 7.63 -2.68
C SER B 48 35.56 8.46 -1.55
N THR B 49 34.38 8.06 -1.09
CA THR B 49 33.73 8.75 0.01
C THR B 49 34.45 8.59 1.35
N THR B 50 34.88 7.37 1.67
CA THR B 50 35.64 7.13 2.90
C THR B 50 36.88 8.05 2.97
N LEU B 51 37.59 8.14 1.86
CA LEU B 51 38.84 8.91 1.76
C LEU B 51 38.73 10.43 2.01
N GLN B 52 37.58 11.03 1.74
CA GLN B 52 37.36 12.41 2.09
C GLN B 52 37.60 12.67 3.58
N THR B 53 37.54 11.65 4.41
CA THR B 53 37.80 11.89 5.82
C THR B 53 38.67 10.82 6.49
N TYR B 54 38.64 9.59 5.99
CA TYR B 54 39.24 8.44 6.68
C TYR B 54 40.31 7.71 5.85
N PRO B 55 41.27 7.07 6.50
CA PRO B 55 42.18 6.16 5.78
C PRO B 55 41.42 4.96 5.19
N TYR B 56 41.85 4.53 4.01
CA TYR B 56 41.39 3.33 3.38
C TYR B 56 42.63 2.70 2.77
N LEU B 57 42.90 1.44 3.13
CA LEU B 57 44.15 0.79 2.78
C LEU B 57 43.92 -0.53 2.05
N VAL B 58 44.89 -0.93 1.26
CA VAL B 58 44.92 -2.27 0.67
C VAL B 58 46.24 -2.94 0.97
N ALA B 59 46.23 -4.27 1.06
CA ALA B 59 47.43 -5.04 1.24
C ALA B 59 47.72 -5.72 -0.09
N VAL B 60 48.92 -5.56 -0.60
CA VAL B 60 49.22 -6.11 -1.91
C VAL B 60 50.31 -7.17 -1.81
N ARG B 61 50.10 -8.25 -2.53
CA ARG B 61 51.09 -9.31 -2.61
C ARG B 61 51.27 -9.61 -4.09
N GLU B 62 52.50 -9.52 -4.56
CA GLU B 62 52.80 -9.70 -5.99
C GLU B 62 51.93 -8.82 -6.88
N GLY B 63 51.64 -7.60 -6.43
CA GLY B 63 50.87 -6.64 -7.21
C GLY B 63 49.32 -6.77 -7.14
N ARG B 64 48.82 -7.77 -6.42
CA ARG B 64 47.36 -7.94 -6.34
C ARG B 64 46.81 -7.75 -4.91
N VAL B 65 45.67 -7.07 -4.80
CA VAL B 65 45.06 -6.81 -3.52
C VAL B 65 44.62 -8.11 -2.86
N VAL B 66 45.19 -8.41 -1.70
CA VAL B 66 44.81 -9.62 -0.98
C VAL B 66 44.03 -9.30 0.31
N GLY B 67 43.86 -8.01 0.59
CA GLY B 67 43.12 -7.57 1.78
C GLY B 67 42.96 -6.06 1.73
N TYR B 68 42.07 -5.55 2.58
CA TYR B 68 41.86 -4.10 2.68
C TYR B 68 41.28 -3.70 4.04
N ALA B 69 41.36 -2.42 4.35
CA ALA B 69 40.90 -1.95 5.65
C ALA B 69 40.52 -0.47 5.56
N TYR B 70 39.53 -0.07 6.33
CA TYR B 70 39.10 1.30 6.30
C TYR B 70 38.43 1.67 7.62
N ALA B 71 38.45 2.96 7.92
CA ALA B 71 37.78 3.46 9.12
C ALA B 71 36.47 4.11 8.69
N SER B 72 35.56 4.22 9.64
CA SER B 72 34.26 4.82 9.36
C SER B 72 33.72 5.39 10.68
N GLN B 73 32.68 6.20 10.58
CA GLN B 73 32.12 6.87 11.76
C GLN B 73 31.53 5.85 12.74
N HIS B 74 31.83 6.04 14.03
CA HIS B 74 31.26 5.16 15.04
C HIS B 74 29.76 5.37 15.25
N ARG B 75 29.36 6.60 15.59
CA ARG B 75 27.96 6.97 15.74
C ARG B 75 27.80 8.42 15.29
N ALA B 76 26.59 8.78 14.89
CA ALA B 76 26.33 10.13 14.33
C ALA B 76 26.37 11.29 15.35
N ARG B 77 25.91 11.07 16.56
CA ARG B 77 25.80 12.19 17.53
C ARG B 77 27.15 12.85 17.87
N ALA B 78 27.13 14.15 18.08
CA ALA B 78 28.33 14.98 18.20
C ALA B 78 29.35 14.48 19.26
N ALA B 79 28.86 14.04 20.40
CA ALA B 79 29.77 13.62 21.48
C ALA B 79 30.64 12.41 21.15
N TYR B 80 30.28 11.66 20.10
CA TYR B 80 31.00 10.42 19.75
C TYR B 80 32.14 10.68 18.78
N ARG B 81 32.42 11.94 18.47
CA ARG B 81 33.29 12.17 17.30
C ARG B 81 34.76 11.72 17.47
N TRP B 82 35.13 11.37 18.70
CA TRP B 82 36.45 10.80 18.99
C TRP B 82 36.51 9.28 18.91
N ALA B 83 35.36 8.65 18.70
CA ALA B 83 35.31 7.21 18.47
C ALA B 83 35.26 6.94 16.97
N VAL B 84 35.93 5.89 16.49
CA VAL B 84 35.94 5.57 15.09
C VAL B 84 35.83 4.04 14.89
N ASP B 85 35.11 3.61 13.85
CA ASP B 85 34.98 2.17 13.55
C ASP B 85 36.08 1.72 12.62
N VAL B 86 36.58 0.50 12.82
CA VAL B 86 37.54 -0.08 11.88
C VAL B 86 37.01 -1.40 11.29
N THR B 87 37.29 -1.60 10.02
CA THR B 87 36.88 -2.79 9.28
C THR B 87 38.05 -3.35 8.48
N VAL B 88 38.32 -4.63 8.61
CA VAL B 88 39.46 -5.23 7.88
C VAL B 88 38.93 -6.54 7.32
N TYR B 89 39.17 -6.78 6.03
CA TYR B 89 38.81 -8.07 5.43
C TYR B 89 40.03 -8.61 4.72
N VAL B 90 40.14 -9.92 4.65
CA VAL B 90 41.30 -10.58 4.05
C VAL B 90 40.78 -11.73 3.19
N ALA B 91 41.39 -11.92 2.01
CA ALA B 91 41.01 -13.02 1.10
C ALA B 91 41.21 -14.35 1.81
N GLU B 92 40.40 -15.34 1.46
CA GLU B 92 40.66 -16.70 1.93
C GLU B 92 42.00 -17.16 1.41
N GLY B 93 42.59 -18.13 2.10
CA GLY B 93 43.88 -18.65 1.64
C GLY B 93 45.01 -18.29 2.59
N GLN B 94 46.14 -17.95 2.02
CA GLN B 94 47.36 -17.87 2.82
C GLN B 94 47.52 -16.54 3.60
N ARG B 95 48.31 -16.62 4.68
CA ARG B 95 48.76 -15.47 5.48
C ARG B 95 47.66 -14.55 5.97
N ARG B 96 46.45 -15.09 6.09
CA ARG B 96 45.29 -14.44 6.73
C ARG B 96 45.64 -13.46 7.85
N SER B 97 46.23 -13.98 8.92
CA SER B 97 46.47 -13.20 10.14
C SER B 97 47.52 -12.14 9.88
N GLY B 98 48.60 -12.55 9.21
CA GLY B 98 49.67 -11.64 8.85
C GLY B 98 49.11 -10.45 8.07
N ILE B 99 48.26 -10.71 7.10
CA ILE B 99 47.73 -9.64 6.29
C ILE B 99 46.94 -8.65 7.17
N ALA B 100 46.01 -9.18 7.95
CA ALA B 100 45.20 -8.38 8.86
C ALA B 100 46.02 -7.59 9.86
N ARG B 101 47.04 -8.23 10.42
CA ARG B 101 47.91 -7.59 11.39
C ARG B 101 48.64 -6.41 10.78
N GLN B 102 49.18 -6.61 9.58
CA GLN B 102 49.94 -5.58 8.90
C GLN B 102 49.04 -4.39 8.58
N LEU B 103 47.83 -4.68 8.07
CA LEU B 103 46.81 -3.67 7.88
C LEU B 103 46.58 -2.83 9.16
N TYR B 104 46.30 -3.47 10.27
CA TYR B 104 46.08 -2.77 11.54
C TYR B 104 47.32 -2.04 12.04
N ASP B 105 48.50 -2.59 11.78
CA ASP B 105 49.74 -1.96 12.24
C ASP B 105 49.96 -0.62 11.52
N VAL B 106 49.28 -0.42 10.42
CA VAL B 106 49.34 0.85 9.71
C VAL B 106 48.12 1.70 10.06
N LEU B 107 46.94 1.10 10.01
CA LEU B 107 45.68 1.81 10.24
C LEU B 107 45.61 2.48 11.62
N LEU B 108 45.89 1.70 12.67
CA LEU B 108 45.78 2.18 14.05
C LEU B 108 46.66 3.43 14.31
N PRO B 109 47.98 3.39 13.99
CA PRO B 109 48.77 4.58 14.21
C PRO B 109 48.31 5.78 13.40
N VAL B 110 47.74 5.52 12.23
CA VAL B 110 47.19 6.63 11.44
C VAL B 110 45.99 7.27 12.17
N LEU B 111 45.09 6.44 12.65
CA LEU B 111 43.94 6.93 13.41
C LEU B 111 44.38 7.66 14.70
N LYS B 112 45.40 7.15 15.39
CA LYS B 112 45.90 7.84 16.60
C LYS B 112 46.36 9.28 16.28
N ARG B 113 47.23 9.43 15.28
CA ARG B 113 47.73 10.75 14.82
C ARG B 113 46.65 11.71 14.39
N LEU B 114 45.55 11.18 13.88
CA LEU B 114 44.42 12.00 13.43
C LEU B 114 43.61 12.58 14.60
N GLY B 115 43.77 11.99 15.77
CA GLY B 115 43.16 12.55 17.00
C GLY B 115 42.01 11.75 17.61
N TYR B 116 41.75 10.51 17.10
CA TYR B 116 40.72 9.67 17.70
C TYR B 116 41.19 9.09 19.04
N ARG B 117 40.26 8.79 19.92
CA ARG B 117 40.61 8.28 21.23
C ARG B 117 40.38 6.79 21.34
N SER B 118 39.48 6.29 20.49
CA SER B 118 39.29 4.83 20.46
C SER B 118 38.79 4.33 19.10
N ALA B 119 39.21 3.11 18.73
CA ALA B 119 38.68 2.45 17.55
C ALA B 119 37.91 1.17 17.90
N TYR B 120 36.86 0.89 17.14
CA TYR B 120 36.00 -0.25 17.36
C TYR B 120 35.89 -1.17 16.15
N ALA B 121 36.10 -2.46 16.39
CA ALA B 121 35.86 -3.49 15.38
C ALA B 121 34.69 -4.36 15.84
N GLY B 122 33.75 -4.61 14.92
CA GLY B 122 32.64 -5.52 15.18
C GLY B 122 33.01 -6.89 14.62
N ILE B 123 32.72 -7.96 15.35
CA ILE B 123 33.04 -9.29 14.87
C ILE B 123 31.82 -10.21 14.99
N ALA B 124 31.37 -10.75 13.86
CA ALA B 124 30.32 -11.74 13.86
C ALA B 124 30.86 -13.00 14.52
N LEU B 125 30.20 -13.48 15.57
CA LEU B 125 30.75 -14.57 16.39
C LEU B 125 30.02 -15.89 16.18
N PRO B 126 30.73 -17.03 16.28
CA PRO B 126 32.15 -17.15 16.63
C PRO B 126 33.06 -16.91 15.43
N ASN B 127 34.29 -16.54 15.72
CA ASN B 127 35.35 -16.38 14.75
C ASN B 127 36.67 -16.34 15.51
N GLU B 128 37.11 -17.51 15.93
CA GLU B 128 38.27 -17.65 16.81
C GLU B 128 39.50 -16.96 16.24
N GLY B 129 39.74 -17.16 14.95
CA GLY B 129 40.87 -16.55 14.28
C GLY B 129 40.87 -15.02 14.43
N SER B 130 39.75 -14.39 14.09
CA SER B 130 39.66 -12.95 14.22
C SER B 130 39.75 -12.45 15.66
N VAL B 131 39.08 -13.13 16.59
CA VAL B 131 39.17 -12.75 18.00
C VAL B 131 40.61 -12.77 18.52
N GLY B 132 41.33 -13.88 18.32
CA GLY B 132 42.70 -13.98 18.75
C GLY B 132 43.58 -12.89 18.13
N LEU B 133 43.37 -12.62 16.85
CA LEU B 133 44.08 -11.51 16.22
C LEU B 133 43.84 -10.17 16.94
N HIS B 134 42.59 -9.85 17.21
CA HIS B 134 42.31 -8.58 17.88
C HIS B 134 42.90 -8.56 19.28
N GLU B 135 42.82 -9.69 19.98
CA GLU B 135 43.42 -9.81 21.30
C GLU B 135 44.94 -9.56 21.29
N ARG B 136 45.65 -10.17 20.35
CA ARG B 136 47.12 -9.96 20.31
C ARG B 136 47.49 -8.53 19.94
N LEU B 137 46.62 -7.84 19.23
CA LEU B 137 46.85 -6.43 18.83
C LEU B 137 46.56 -5.48 19.99
N GLY B 138 45.98 -5.98 21.07
CA GLY B 138 45.74 -5.11 22.22
C GLY B 138 44.30 -4.62 22.33
N PHE B 139 43.37 -5.19 21.54
CA PHE B 139 41.96 -4.82 21.66
C PHE B 139 41.34 -5.51 22.88
N GLN B 140 40.30 -4.91 23.45
CA GLN B 140 39.56 -5.52 24.53
C GLN B 140 38.10 -5.74 24.16
N HIS B 141 37.58 -6.89 24.51
CA HIS B 141 36.20 -7.25 24.19
C HIS B 141 35.25 -6.50 25.17
N ILE B 142 34.36 -5.66 24.67
CA ILE B 142 33.59 -4.79 25.58
C ILE B 142 32.10 -5.08 25.57
N GLY B 143 31.67 -5.99 24.72
CA GLY B 143 30.28 -6.37 24.71
C GLY B 143 29.96 -7.25 23.53
N THR B 144 28.84 -7.96 23.65
CA THR B 144 28.36 -8.80 22.59
C THR B 144 26.86 -8.64 22.46
N PHE B 145 26.41 -8.38 21.24
CA PHE B 145 25.00 -8.20 20.94
C PHE B 145 24.51 -9.54 20.45
N PRO B 146 23.77 -10.27 21.30
CA PRO B 146 23.47 -11.68 21.02
C PRO B 146 22.35 -11.80 20.00
N GLN B 147 22.56 -12.66 19.02
CA GLN B 147 21.52 -12.99 18.03
C GLN B 147 20.98 -11.77 17.39
N VAL B 148 21.83 -10.74 17.20
CA VAL B 148 21.37 -9.46 16.73
C VAL B 148 21.04 -9.45 15.22
N GLY B 149 21.69 -10.31 14.45
CA GLY B 149 21.51 -10.32 13.01
C GLY B 149 21.01 -11.67 12.57
N PHE B 150 20.19 -11.70 11.51
CA PHE B 150 19.80 -12.99 10.91
C PHE B 150 20.30 -12.98 9.48
N LYS B 151 21.04 -14.03 9.13
CA LYS B 151 21.57 -14.17 7.77
C LYS B 151 21.96 -15.63 7.52
N LEU B 152 21.70 -16.10 6.29
CA LEU B 152 22.03 -17.48 5.88
C LEU B 152 21.53 -18.53 6.87
N ASP B 153 20.24 -18.46 7.18
CA ASP B 153 19.53 -19.44 8.04
C ASP B 153 19.99 -19.55 9.50
N ALA B 154 20.63 -18.52 10.05
CA ALA B 154 20.96 -18.56 11.47
C ALA B 154 20.95 -17.14 12.05
N TRP B 155 20.79 -17.06 13.36
CA TRP B 155 20.97 -15.82 14.07
C TRP B 155 22.43 -15.72 14.51
N HIS B 156 23.02 -14.52 14.43
CA HIS B 156 24.41 -14.32 14.77
C HIS B 156 24.66 -13.25 15.84
N ASP B 157 25.54 -13.54 16.79
CA ASP B 157 26.01 -12.54 17.73
C ASP B 157 27.04 -11.66 17.06
N VAL B 158 27.15 -10.40 17.49
CA VAL B 158 28.25 -9.53 17.10
C VAL B 158 28.96 -8.96 18.31
N GLY B 159 30.26 -9.25 18.43
CA GLY B 159 30.99 -8.77 19.57
C GLY B 159 31.78 -7.55 19.14
N TYR B 160 32.02 -6.62 20.05
CA TYR B 160 32.85 -5.46 19.73
C TYR B 160 34.14 -5.40 20.52
N TRP B 161 35.23 -5.12 19.81
CA TRP B 161 36.54 -5.03 20.42
C TRP B 161 37.02 -3.58 20.32
N ARG B 162 37.57 -3.08 21.41
CA ARG B 162 37.97 -1.69 21.51
C ARG B 162 39.47 -1.53 21.56
N PHE B 163 40.02 -0.71 20.66
CA PHE B 163 41.40 -0.29 20.78
C PHE B 163 41.48 1.11 21.40
N ASP B 164 42.08 1.21 22.58
CA ASP B 164 42.19 2.45 23.30
C ASP B 164 43.46 3.20 22.92
N PHE B 165 43.34 4.36 22.28
CA PHE B 165 44.52 5.14 21.90
C PHE B 165 45.05 5.97 23.07
N GLY B 166 44.37 5.89 24.22
CA GLY B 166 44.69 6.76 25.34
C GLY B 166 44.40 8.23 25.02
N ASP B 167 44.93 9.09 25.86
CA ASP B 167 44.77 10.53 25.71
C ASP B 167 43.32 10.99 25.88
N GLU B 168 42.59 10.31 26.76
CA GLU B 168 41.28 10.84 27.16
C GLU B 168 41.45 12.01 28.17
N GLY B 169 42.03 13.11 27.71
CA GLY B 169 42.28 14.29 28.55
C GLY B 169 41.08 15.23 28.54
N LEU B 170 41.25 16.40 29.15
CA LEU B 170 40.13 17.30 29.49
C LEU B 170 39.78 18.27 28.38
N HIS B 171 40.68 18.50 27.43
CA HIS B 171 40.43 19.46 26.37
C HIS B 171 40.72 18.90 24.97
N PRO B 172 40.00 17.83 24.56
CA PRO B 172 40.33 17.18 23.28
C PRO B 172 39.98 18.09 22.12
N GLU B 173 40.83 18.11 21.09
N GLU B 173 40.82 18.09 21.09
CA GLU B 173 40.49 18.83 19.88
CA GLU B 173 40.52 18.77 19.85
C GLU B 173 39.89 17.85 18.87
C GLU B 173 39.85 17.81 18.88
N ALA B 174 38.93 18.31 18.08
CA ALA B 174 38.23 17.46 17.09
C ALA B 174 39.22 16.75 16.18
N PRO B 175 38.92 15.50 15.83
CA PRO B 175 39.85 14.74 14.96
C PRO B 175 40.01 15.41 13.58
N LEU B 176 41.19 15.26 12.98
CA LEU B 176 41.46 15.81 11.65
C LEU B 176 41.19 14.79 10.52
N GLY B 177 40.90 15.29 9.34
CA GLY B 177 40.65 14.44 8.19
C GLY B 177 41.94 13.79 7.71
N PHE B 178 41.86 12.54 7.31
CA PHE B 178 43.00 11.86 6.65
C PHE B 178 43.17 12.60 5.33
N LEU B 179 44.34 13.17 5.09
CA LEU B 179 44.64 13.87 3.79
C LEU B 179 43.53 14.73 3.26
N SER B 180 43.49 16.00 3.63
CA SER B 180 42.37 16.93 3.31
C SER B 180 41.37 16.98 4.43
N GLN B 181 41.12 18.21 4.86
CA GLN B 181 40.42 18.56 6.09
C GLN B 181 38.95 18.14 6.16
N ILE B 182 38.49 17.91 7.39
CA ILE B 182 37.09 17.51 7.66
C ILE B 182 36.26 18.71 8.15
N GLY C 4 -3.24 13.30 -2.01
CA GLY C 4 -3.03 13.86 -0.65
C GLY C 4 -3.28 12.74 0.35
N ILE C 5 -4.00 13.08 1.43
CA ILE C 5 -4.44 12.10 2.45
C ILE C 5 -3.34 11.52 3.35
N ASP C 6 -3.33 11.95 4.62
CA ASP C 6 -2.56 11.27 5.63
C ASP C 6 -3.51 10.50 6.59
N ILE C 7 -3.15 9.27 6.95
CA ILE C 7 -3.84 8.54 8.01
C ILE C 7 -3.05 8.59 9.30
N ARG C 8 -3.73 8.82 10.42
CA ARG C 8 -3.07 8.83 11.75
C ARG C 8 -4.06 8.27 12.74
N VAL C 9 -3.63 7.91 13.93
CA VAL C 9 -4.63 7.47 14.90
C VAL C 9 -5.45 8.66 15.39
N ALA C 10 -6.72 8.40 15.67
CA ALA C 10 -7.64 9.42 16.13
C ALA C 10 -7.37 9.77 17.60
N ARG C 11 -7.76 10.97 18.01
CA ARG C 11 -7.77 11.39 19.40
C ARG C 11 -9.19 11.85 19.79
N PRO C 12 -9.52 11.85 21.09
CA PRO C 12 -10.81 12.42 21.55
C PRO C 12 -11.01 13.84 21.04
N GLU C 13 -9.92 14.56 20.86
CA GLU C 13 -9.95 15.91 20.31
C GLU C 13 -10.45 15.97 18.87
N ASP C 14 -10.48 14.84 18.16
CA ASP C 14 -11.06 14.83 16.81
C ASP C 14 -12.58 14.77 16.84
N ALA C 15 -13.16 14.76 18.03
CA ALA C 15 -14.57 14.50 18.20
C ALA C 15 -15.47 15.43 17.41
N GLU C 16 -15.16 16.73 17.47
CA GLU C 16 -15.96 17.72 16.75
C GLU C 16 -15.93 17.54 15.23
N GLU C 17 -14.75 17.32 14.65
CA GLU C 17 -14.67 17.05 13.21
C GLU C 17 -15.37 15.74 12.85
N ILE C 18 -15.19 14.71 13.67
CA ILE C 18 -15.83 13.43 13.45
C ILE C 18 -17.37 13.55 13.57
N GLN C 19 -17.85 14.25 14.60
CA GLN C 19 -19.30 14.43 14.82
C GLN C 19 -19.96 15.12 13.62
N ILE C 20 -19.25 16.09 13.04
CA ILE C 20 -19.76 16.83 11.88
C ILE C 20 -19.89 15.97 10.62
N ILE C 21 -18.97 15.03 10.45
CA ILE C 21 -19.11 14.03 9.39
C ILE C 21 -20.27 13.06 9.67
N TYR C 22 -20.36 12.59 10.92
CA TYR C 22 -21.30 11.51 11.23
C TYR C 22 -22.79 11.98 11.24
N ALA C 23 -23.04 13.20 11.72
CA ALA C 23 -24.41 13.70 11.86
C ALA C 23 -25.28 13.62 10.60
N PRO C 24 -24.77 14.08 9.43
CA PRO C 24 -25.56 13.96 8.19
C PRO C 24 -25.79 12.54 7.78
N ILE C 25 -24.84 11.66 8.10
CA ILE C 25 -24.99 10.23 7.83
C ILE C 25 -26.16 9.66 8.64
N VAL C 26 -26.22 10.02 9.94
CA VAL C 26 -27.35 9.56 10.80
C VAL C 26 -28.69 10.16 10.26
N LEU C 27 -28.69 11.45 9.96
CA LEU C 27 -29.91 12.15 9.60
C LEU C 27 -30.46 11.79 8.22
N ASN C 28 -29.57 11.65 7.25
CA ASN C 28 -30.00 11.58 5.85
C ASN C 28 -29.84 10.24 5.17
N THR C 29 -29.11 9.29 5.78
CA THR C 29 -28.82 8.01 5.09
C THR C 29 -29.10 6.81 5.96
N ALA C 30 -29.00 5.62 5.34
CA ALA C 30 -29.07 4.35 6.05
C ALA C 30 -27.67 3.74 6.23
N ILE C 31 -26.64 4.53 5.93
CA ILE C 31 -25.24 4.13 6.10
C ILE C 31 -24.94 3.75 7.55
N SER C 32 -25.59 4.45 8.46
CA SER C 32 -25.71 4.02 9.84
C SER C 32 -27.18 3.77 10.16
N PHE C 33 -27.47 2.80 11.00
CA PHE C 33 -28.85 2.54 11.44
C PHE C 33 -29.17 3.27 12.74
N GLU C 34 -28.24 4.08 13.20
CA GLU C 34 -28.49 4.94 14.34
C GLU C 34 -29.53 5.98 13.88
N GLU C 35 -30.33 6.48 14.82
CA GLU C 35 -31.36 7.46 14.50
C GLU C 35 -31.12 8.83 15.13
N ALA C 36 -30.69 8.86 16.38
CA ALA C 36 -30.45 10.12 17.04
C ALA C 36 -28.98 10.54 16.80
N VAL C 37 -28.75 11.82 16.60
CA VAL C 37 -27.39 12.31 16.35
C VAL C 37 -26.67 12.39 17.69
N PRO C 38 -25.51 11.73 17.80
CA PRO C 38 -24.77 11.83 19.08
C PRO C 38 -24.15 13.22 19.21
N SER C 39 -24.05 13.71 20.44
CA SER C 39 -23.39 14.97 20.69
C SER C 39 -21.86 14.85 20.54
N VAL C 40 -21.20 15.99 20.45
CA VAL C 40 -19.76 16.05 20.42
C VAL C 40 -19.16 15.30 21.64
N GLU C 41 -19.76 15.51 22.81
CA GLU C 41 -19.23 14.86 24.02
C GLU C 41 -19.41 13.34 24.00
N GLN C 42 -20.55 12.85 23.54
CA GLN C 42 -20.62 11.38 23.42
C GLN C 42 -19.69 10.79 22.35
N MET C 43 -19.40 11.56 21.30
CA MET C 43 -18.39 11.13 20.34
C MET C 43 -17.00 11.05 20.97
N ARG C 44 -16.64 12.03 21.81
CA ARG C 44 -15.38 11.97 22.56
C ARG C 44 -15.27 10.67 23.32
N GLU C 45 -16.35 10.32 24.02
CA GLU C 45 -16.41 9.08 24.75
C GLU C 45 -16.29 7.81 23.87
N ARG C 46 -17.04 7.74 22.77
CA ARG C 46 -16.90 6.61 21.85
C ARG C 46 -15.47 6.43 21.34
N ILE C 47 -14.78 7.54 21.12
CA ILE C 47 -13.40 7.48 20.67
C ILE C 47 -12.47 6.92 21.75
N SER C 48 -12.48 7.53 22.92
CA SER C 48 -11.71 7.06 24.10
C SER C 48 -11.97 5.60 24.39
N THR C 49 -13.25 5.25 24.49
CA THR C 49 -13.63 3.89 24.85
C THR C 49 -13.09 2.87 23.85
N THR C 50 -13.23 3.19 22.56
CA THR C 50 -12.78 2.27 21.49
C THR C 50 -11.27 2.07 21.60
N LEU C 51 -10.56 3.16 21.79
CA LEU C 51 -9.10 3.13 21.82
C LEU C 51 -8.58 2.34 23.00
N GLN C 52 -9.42 2.11 24.01
CA GLN C 52 -9.03 1.25 25.11
C GLN C 52 -8.65 -0.14 24.62
N THR C 53 -9.25 -0.58 23.51
CA THR C 53 -8.90 -1.93 23.00
C THR C 53 -8.69 -2.05 21.47
N TYR C 54 -9.18 -1.09 20.68
CA TYR C 54 -9.13 -1.19 19.23
C TYR C 54 -8.53 0.05 18.60
N PRO C 55 -7.91 -0.10 17.41
CA PRO C 55 -7.48 1.04 16.64
C PRO C 55 -8.69 1.92 16.22
N TYR C 56 -8.46 3.22 16.11
CA TYR C 56 -9.45 4.16 15.63
C TYR C 56 -8.58 5.15 14.89
N LEU C 57 -8.91 5.40 13.63
CA LEU C 57 -8.05 6.20 12.72
C LEU C 57 -8.82 7.31 12.05
N VAL C 58 -8.14 8.39 11.71
CA VAL C 58 -8.72 9.43 10.82
C VAL C 58 -7.90 9.63 9.51
N ALA C 59 -8.61 9.96 8.44
CA ALA C 59 -7.97 10.41 7.22
C ALA C 59 -8.03 11.92 7.19
N VAL C 60 -6.88 12.55 6.95
CA VAL C 60 -6.82 14.01 6.86
C VAL C 60 -6.22 14.52 5.56
N ARG C 61 -6.83 15.57 5.04
CA ARG C 61 -6.42 16.19 3.81
C ARG C 61 -6.58 17.69 4.03
N GLU C 62 -5.55 18.44 3.67
CA GLU C 62 -5.53 19.90 3.87
C GLU C 62 -5.80 20.27 5.32
N GLY C 63 -5.32 19.45 6.25
CA GLY C 63 -5.47 19.75 7.68
C GLY C 63 -6.82 19.38 8.26
N ARG C 64 -7.74 18.92 7.41
CA ARG C 64 -9.10 18.56 7.86
C ARG C 64 -9.34 17.04 7.80
N VAL C 65 -10.00 16.51 8.82
CA VAL C 65 -10.47 15.14 8.80
C VAL C 65 -11.50 14.92 7.67
N VAL C 66 -11.22 13.99 6.76
CA VAL C 66 -12.16 13.72 5.67
C VAL C 66 -12.80 12.33 5.72
N GLY C 67 -12.42 11.54 6.71
CA GLY C 67 -12.99 10.22 6.92
C GLY C 67 -12.42 9.59 8.17
N TYR C 68 -13.05 8.52 8.65
CA TYR C 68 -12.50 7.86 9.83
C TYR C 68 -12.85 6.36 9.87
N ALA C 69 -12.21 5.63 10.77
CA ALA C 69 -12.40 4.18 10.77
C ALA C 69 -12.04 3.58 12.11
N TYR C 70 -12.81 2.59 12.53
CA TYR C 70 -12.53 1.97 13.82
C TYR C 70 -12.96 0.53 13.82
N ALA C 71 -12.43 -0.23 14.77
CA ALA C 71 -12.82 -1.63 14.92
C ALA C 71 -13.66 -1.74 16.17
N SER C 72 -14.44 -2.81 16.23
CA SER C 72 -15.24 -3.09 17.42
C SER C 72 -15.52 -4.56 17.51
N GLN C 73 -16.03 -4.99 18.67
CA GLN C 73 -16.23 -6.41 18.91
C GLN C 73 -17.23 -7.00 17.94
N HIS C 74 -16.93 -8.17 17.41
CA HIS C 74 -17.85 -8.79 16.45
C HIS C 74 -19.05 -9.42 17.18
N ARG C 75 -18.80 -10.32 18.14
CA ARG C 75 -19.88 -10.79 19.01
C ARG C 75 -19.35 -10.97 20.44
N ALA C 76 -20.25 -10.91 21.41
CA ALA C 76 -19.85 -11.07 22.83
C ALA C 76 -19.27 -12.42 23.25
N ARG C 77 -19.81 -13.53 22.75
CA ARG C 77 -19.40 -14.83 23.31
C ARG C 77 -17.96 -15.24 23.06
N ALA C 78 -17.40 -16.00 23.97
CA ALA C 78 -15.95 -16.28 24.01
C ALA C 78 -15.35 -16.74 22.69
N ALA C 79 -15.95 -17.75 22.07
CA ALA C 79 -15.35 -18.33 20.87
C ALA C 79 -15.23 -17.37 19.68
N TYR C 80 -16.00 -16.28 19.70
CA TYR C 80 -15.93 -15.25 18.67
C TYR C 80 -14.77 -14.24 18.79
N ARG C 81 -13.91 -14.36 19.79
CA ARG C 81 -12.97 -13.27 20.04
C ARG C 81 -11.90 -13.02 18.97
N TRP C 82 -11.75 -13.92 18.01
CA TRP C 82 -10.82 -13.71 16.91
C TRP C 82 -11.48 -13.02 15.72
N ALA C 83 -12.80 -12.79 15.81
CA ALA C 83 -13.52 -12.01 14.80
C ALA C 83 -13.63 -10.60 15.31
N VAL C 84 -13.49 -9.62 14.39
CA VAL C 84 -13.54 -8.21 14.77
C VAL C 84 -14.40 -7.48 13.72
N ASP C 85 -15.16 -6.45 14.14
CA ASP C 85 -15.92 -5.65 13.16
C ASP C 85 -15.12 -4.41 12.75
N VAL C 86 -15.23 -4.01 11.49
CA VAL C 86 -14.63 -2.76 11.08
C VAL C 86 -15.68 -1.81 10.51
N THR C 87 -15.53 -0.53 10.81
CA THR C 87 -16.49 0.50 10.36
C THR C 87 -15.74 1.69 9.74
N VAL C 88 -16.12 2.08 8.53
CA VAL C 88 -15.46 3.16 7.80
C VAL C 88 -16.50 4.18 7.33
N TYR C 89 -16.26 5.46 7.64
CA TYR C 89 -17.14 6.55 7.16
C TYR C 89 -16.29 7.58 6.43
N VAL C 90 -16.84 8.13 5.35
CA VAL C 90 -16.12 9.15 4.58
C VAL C 90 -17.00 10.39 4.40
N ALA C 91 -16.41 11.57 4.59
CA ALA C 91 -17.14 12.84 4.51
C ALA C 91 -17.86 12.96 3.17
N GLU C 92 -19.10 13.41 3.22
CA GLU C 92 -19.91 13.59 2.01
C GLU C 92 -19.17 14.53 1.02
N GLY C 93 -19.37 14.30 -0.27
CA GLY C 93 -18.70 15.08 -1.29
C GLY C 93 -17.21 14.78 -1.41
N GLN C 94 -16.81 13.63 -0.87
CA GLN C 94 -15.42 13.20 -0.98
C GLN C 94 -15.33 11.81 -1.62
N ARG C 95 -16.36 10.99 -1.42
CA ARG C 95 -16.35 9.57 -1.81
C ARG C 95 -15.81 9.31 -3.22
N ARG C 96 -15.31 8.09 -3.42
CA ARG C 96 -14.50 7.75 -4.60
C ARG C 96 -13.28 8.68 -4.67
N SER C 97 -12.42 8.59 -3.66
CA SER C 97 -11.27 9.50 -3.54
C SER C 97 -9.84 8.93 -3.67
N GLY C 98 -9.50 7.77 -3.09
CA GLY C 98 -10.32 6.93 -2.23
C GLY C 98 -9.76 6.95 -0.79
N ILE C 99 -10.51 7.61 0.06
CA ILE C 99 -10.19 7.76 1.48
C ILE C 99 -10.35 6.43 2.20
N ALA C 100 -11.41 5.69 1.87
CA ALA C 100 -11.69 4.42 2.51
C ALA C 100 -10.54 3.40 2.33
N ARG C 101 -10.07 3.24 1.09
CA ARG C 101 -8.93 2.35 0.83
C ARG C 101 -7.71 2.67 1.69
N GLN C 102 -7.34 3.95 1.73
CA GLN C 102 -6.20 4.35 2.54
C GLN C 102 -6.41 4.08 4.01
N LEU C 103 -7.66 4.20 4.48
CA LEU C 103 -7.98 3.88 5.86
C LEU C 103 -7.80 2.38 6.11
N TYR C 104 -8.43 1.57 5.27
CA TYR C 104 -8.33 0.10 5.41
C TYR C 104 -6.90 -0.42 5.29
N ASP C 105 -6.11 0.21 4.42
CA ASP C 105 -4.69 -0.17 4.21
C ASP C 105 -3.84 -0.08 5.47
N VAL C 106 -4.24 0.79 6.38
CA VAL C 106 -3.61 0.89 7.69
C VAL C 106 -4.29 0.02 8.72
N LEU C 107 -5.65 0.10 8.77
CA LEU C 107 -6.44 -0.64 9.77
C LEU C 107 -6.26 -2.18 9.75
N LEU C 108 -6.42 -2.76 8.57
CA LEU C 108 -6.37 -4.22 8.44
C LEU C 108 -5.03 -4.84 8.87
N PRO C 109 -3.90 -4.30 8.41
CA PRO C 109 -2.67 -4.86 8.97
C PRO C 109 -2.56 -4.75 10.50
N VAL C 110 -3.12 -3.69 11.12
CA VAL C 110 -2.96 -3.54 12.56
C VAL C 110 -3.77 -4.62 13.27
N LEU C 111 -4.98 -4.78 12.78
CA LEU C 111 -5.89 -5.81 13.24
C LEU C 111 -5.20 -7.19 13.12
N LYS C 112 -4.48 -7.37 12.01
CA LYS C 112 -3.78 -8.64 11.82
C LYS C 112 -2.69 -8.87 12.90
N ARG C 113 -1.81 -7.89 13.12
CA ARG C 113 -0.74 -8.00 14.13
C ARG C 113 -1.31 -8.23 15.53
N LEU C 114 -2.52 -7.75 15.78
CA LEU C 114 -3.15 -7.92 17.09
C LEU C 114 -3.75 -9.31 17.31
N GLY C 115 -3.81 -10.10 16.24
CA GLY C 115 -4.20 -11.52 16.38
C GLY C 115 -5.62 -11.89 15.95
N TYR C 116 -6.33 -10.96 15.34
CA TYR C 116 -7.62 -11.26 14.78
C TYR C 116 -7.46 -12.08 13.50
N ARG C 117 -8.42 -12.96 13.26
CA ARG C 117 -8.33 -13.88 12.13
C ARG C 117 -9.29 -13.44 11.02
N SER C 118 -10.29 -12.65 11.36
CA SER C 118 -11.16 -12.08 10.36
C SER C 118 -11.79 -10.74 10.77
N ALA C 119 -11.95 -9.88 9.79
CA ALA C 119 -12.63 -8.59 9.98
C ALA C 119 -13.90 -8.60 9.21
N TYR C 120 -14.93 -7.97 9.75
CA TYR C 120 -16.23 -7.91 9.11
C TYR C 120 -16.74 -6.50 8.95
N ALA C 121 -17.15 -6.19 7.72
CA ALA C 121 -17.72 -4.91 7.35
C ALA C 121 -19.17 -5.12 6.95
N GLY C 122 -20.04 -4.24 7.47
CA GLY C 122 -21.47 -4.33 7.23
C GLY C 122 -21.77 -3.22 6.27
N ILE C 123 -22.49 -3.52 5.18
CA ILE C 123 -22.85 -2.48 4.20
C ILE C 123 -24.35 -2.48 3.96
N ALA C 124 -24.97 -1.32 4.14
CA ALA C 124 -26.40 -1.17 3.87
C ALA C 124 -26.54 -1.14 2.36
N LEU C 125 -27.36 -2.02 1.84
CA LEU C 125 -27.49 -2.21 0.39
C LEU C 125 -28.81 -1.63 -0.16
N PRO C 126 -28.79 -1.16 -1.42
CA PRO C 126 -27.67 -1.20 -2.38
C PRO C 126 -26.60 -0.12 -2.12
N ASN C 127 -25.35 -0.46 -2.43
CA ASN C 127 -24.26 0.51 -2.37
C ASN C 127 -23.13 -0.01 -3.24
N GLU C 128 -23.26 0.22 -4.54
CA GLU C 128 -22.31 -0.32 -5.49
C GLU C 128 -20.85 0.13 -5.31
N GLY C 129 -20.65 1.41 -5.08
CA GLY C 129 -19.31 1.89 -4.82
C GLY C 129 -18.64 1.22 -3.63
N SER C 130 -19.39 1.09 -2.52
CA SER C 130 -18.77 0.50 -1.33
C SER C 130 -18.41 -0.98 -1.54
N VAL C 131 -19.33 -1.71 -2.16
CA VAL C 131 -19.10 -3.11 -2.48
C VAL C 131 -17.87 -3.25 -3.39
N GLY C 132 -17.83 -2.42 -4.44
CA GLY C 132 -16.71 -2.45 -5.38
C GLY C 132 -15.40 -2.27 -4.64
N LEU C 133 -15.39 -1.24 -3.80
CA LEU C 133 -14.24 -0.93 -2.98
C LEU C 133 -13.83 -2.12 -2.10
N HIS C 134 -14.78 -2.64 -1.32
CA HIS C 134 -14.48 -3.73 -0.41
C HIS C 134 -13.93 -4.98 -1.16
N GLU C 135 -14.57 -5.30 -2.28
CA GLU C 135 -14.16 -6.47 -3.04
C GLU C 135 -12.80 -6.29 -3.67
N ARG C 136 -12.47 -5.08 -4.09
CA ARG C 136 -11.10 -4.80 -4.54
C ARG C 136 -10.05 -4.92 -3.43
N LEU C 137 -10.45 -4.68 -2.19
CA LEU C 137 -9.51 -4.85 -1.03
C LEU C 137 -9.34 -6.32 -0.67
N GLY C 138 -10.15 -7.18 -1.31
CA GLY C 138 -10.10 -8.60 -1.02
C GLY C 138 -11.11 -9.04 0.06
N PHE C 139 -12.08 -8.18 0.41
CA PHE C 139 -13.23 -8.66 1.22
C PHE C 139 -14.12 -9.58 0.37
N GLN C 140 -14.70 -10.63 0.98
CA GLN C 140 -15.67 -11.49 0.33
C GLN C 140 -17.08 -11.30 0.91
N HIS C 141 -18.07 -11.25 0.03
CA HIS C 141 -19.46 -11.22 0.47
C HIS C 141 -19.89 -12.56 1.07
N ILE C 142 -20.44 -12.57 2.28
CA ILE C 142 -20.72 -13.88 2.97
C ILE C 142 -22.18 -14.00 3.41
N GLY C 143 -22.92 -12.92 3.27
CA GLY C 143 -24.33 -12.97 3.60
C GLY C 143 -24.97 -11.62 3.51
N THR C 144 -26.29 -11.63 3.31
CA THR C 144 -27.10 -10.42 3.32
C THR C 144 -28.34 -10.64 4.19
N PHE C 145 -28.61 -9.71 5.09
CA PHE C 145 -29.78 -9.77 5.95
C PHE C 145 -30.83 -8.90 5.28
N PRO C 146 -31.87 -9.49 4.69
CA PRO C 146 -32.80 -8.65 3.95
C PRO C 146 -33.77 -7.93 4.88
N GLN C 147 -34.06 -6.68 4.55
CA GLN C 147 -35.12 -5.89 5.18
C GLN C 147 -34.99 -5.92 6.67
N VAL C 148 -33.77 -5.82 7.17
CA VAL C 148 -33.49 -6.08 8.58
C VAL C 148 -33.63 -4.78 9.38
N GLY C 149 -33.40 -3.64 8.73
CA GLY C 149 -33.57 -2.36 9.37
C GLY C 149 -34.71 -1.55 8.74
N PHE C 150 -35.35 -0.72 9.54
CA PHE C 150 -36.31 0.23 8.98
C PHE C 150 -35.85 1.64 9.34
N LYS C 151 -35.65 2.47 8.31
CA LYS C 151 -35.15 3.82 8.50
C LYS C 151 -35.49 4.69 7.30
N LEU C 152 -35.92 5.93 7.58
CA LEU C 152 -36.21 6.88 6.49
C LEU C 152 -37.23 6.32 5.52
N ASP C 153 -38.35 5.84 6.08
CA ASP C 153 -39.50 5.39 5.32
C ASP C 153 -39.26 4.15 4.45
N ALA C 154 -38.21 3.39 4.74
CA ALA C 154 -37.90 2.20 3.96
C ALA C 154 -37.20 1.10 4.79
N TRP C 155 -37.40 -0.14 4.37
CA TRP C 155 -36.70 -1.28 4.92
C TRP C 155 -35.40 -1.44 4.12
N HIS C 156 -34.32 -1.83 4.80
CA HIS C 156 -32.99 -1.89 4.23
C HIS C 156 -32.30 -3.23 4.46
N ASP C 157 -31.77 -3.81 3.38
CA ASP C 157 -30.87 -4.95 3.45
C ASP C 157 -29.53 -4.53 4.04
N VAL C 158 -28.90 -5.40 4.82
CA VAL C 158 -27.49 -5.23 5.19
C VAL C 158 -26.71 -6.46 4.78
N GLY C 159 -25.66 -6.24 3.97
CA GLY C 159 -24.75 -7.30 3.55
C GLY C 159 -23.48 -7.25 4.36
N TYR C 160 -22.86 -8.41 4.59
CA TYR C 160 -21.64 -8.52 5.35
C TYR C 160 -20.51 -9.01 4.44
N TRP C 161 -19.35 -8.40 4.62
CA TRP C 161 -18.15 -8.68 3.85
C TRP C 161 -17.00 -9.06 4.75
N ARG C 162 -16.33 -10.16 4.44
CA ARG C 162 -15.30 -10.73 5.30
C ARG C 162 -13.92 -10.55 4.70
N PHE C 163 -13.01 -9.98 5.47
CA PHE C 163 -11.60 -10.01 5.17
C PHE C 163 -10.89 -11.07 6.01
N ASP C 164 -10.40 -12.13 5.35
CA ASP C 164 -9.74 -13.26 6.04
C ASP C 164 -8.25 -12.96 6.19
N PHE C 165 -7.77 -12.88 7.44
CA PHE C 165 -6.35 -12.63 7.69
C PHE C 165 -5.52 -13.92 7.59
N GLY C 166 -6.20 -15.06 7.38
CA GLY C 166 -5.54 -16.36 7.42
C GLY C 166 -5.02 -16.72 8.81
N ASP C 167 -4.22 -17.75 8.87
CA ASP C 167 -3.67 -18.21 10.16
C ASP C 167 -4.76 -18.70 11.11
N GLU C 168 -5.75 -19.39 10.55
CA GLU C 168 -6.70 -20.16 11.34
C GLU C 168 -6.05 -21.49 11.73
N GLY C 169 -5.00 -21.43 12.53
CA GLY C 169 -4.27 -22.63 12.97
C GLY C 169 -4.89 -23.29 14.20
N LEU C 170 -4.17 -24.25 14.77
CA LEU C 170 -4.76 -25.08 15.82
C LEU C 170 -4.59 -24.56 17.24
N HIS C 171 -3.73 -23.55 17.41
CA HIS C 171 -3.50 -23.00 18.75
C HIS C 171 -3.49 -21.47 18.78
N PRO C 172 -4.65 -20.84 18.44
CA PRO C 172 -4.68 -19.39 18.36
C PRO C 172 -4.54 -18.74 19.72
N GLU C 173 -3.70 -17.72 19.83
CA GLU C 173 -3.63 -16.92 21.04
C GLU C 173 -4.66 -15.79 21.01
N ALA C 174 -5.21 -15.43 22.16
CA ALA C 174 -6.24 -14.38 22.20
C ALA C 174 -5.72 -13.03 21.66
N PRO C 175 -6.59 -12.27 20.99
CA PRO C 175 -6.11 -11.00 20.40
C PRO C 175 -5.61 -10.03 21.46
N LEU C 176 -4.66 -9.17 21.11
CA LEU C 176 -4.13 -8.22 22.08
C LEU C 176 -4.79 -6.84 21.88
N GLY C 177 -4.79 -6.02 22.92
CA GLY C 177 -5.35 -4.68 22.84
C GLY C 177 -4.45 -3.77 22.04
N PHE C 178 -5.06 -2.89 21.26
CA PHE C 178 -4.33 -1.87 20.53
C PHE C 178 -3.64 -1.01 21.59
N LEU C 179 -2.31 -0.92 21.50
CA LEU C 179 -1.52 -0.23 22.55
C LEU C 179 -1.73 -0.78 23.95
N SER C 180 -1.78 -2.12 24.05
CA SER C 180 -1.82 -2.88 25.33
C SER C 180 -3.19 -2.83 26.06
N GLY D 4 -19.46 -22.00 -19.84
CA GLY D 4 -20.29 -21.40 -20.91
C GLY D 4 -19.51 -20.45 -21.81
N ILE D 5 -19.24 -19.26 -21.31
CA ILE D 5 -18.70 -18.11 -22.10
C ILE D 5 -19.36 -17.80 -23.45
N ASP D 6 -20.16 -16.75 -23.47
CA ASP D 6 -20.76 -16.30 -24.72
C ASP D 6 -20.39 -14.85 -24.94
N ILE D 7 -20.20 -14.47 -26.20
CA ILE D 7 -19.87 -13.09 -26.58
C ILE D 7 -21.11 -12.39 -27.15
N ARG D 8 -21.39 -11.17 -26.71
N ARG D 8 -21.39 -11.17 -26.72
CA ARG D 8 -22.54 -10.41 -27.23
CA ARG D 8 -22.55 -10.43 -27.20
C ARG D 8 -22.17 -8.95 -27.34
C ARG D 8 -22.17 -8.96 -27.33
N VAL D 9 -22.93 -8.16 -28.08
CA VAL D 9 -22.59 -6.77 -28.16
C VAL D 9 -22.97 -6.11 -26.82
N ALA D 10 -22.14 -5.17 -26.41
CA ALA D 10 -22.27 -4.56 -25.10
C ALA D 10 -23.47 -3.62 -25.11
N ARG D 11 -23.89 -3.23 -23.93
CA ARG D 11 -24.98 -2.32 -23.73
C ARG D 11 -24.54 -1.34 -22.64
N PRO D 12 -25.09 -0.12 -22.66
CA PRO D 12 -24.86 0.85 -21.60
C PRO D 12 -25.29 0.28 -20.26
N GLU D 13 -26.28 -0.60 -20.25
CA GLU D 13 -26.66 -1.23 -18.98
C GLU D 13 -25.60 -2.23 -18.43
N ASP D 14 -24.55 -2.51 -19.22
CA ASP D 14 -23.42 -3.30 -18.73
C ASP D 14 -22.37 -2.44 -17.98
N ALA D 15 -22.59 -1.12 -17.97
CA ALA D 15 -21.60 -0.19 -17.44
C ALA D 15 -21.11 -0.49 -16.03
N GLU D 16 -22.02 -0.90 -15.18
CA GLU D 16 -21.65 -1.18 -13.80
C GLU D 16 -20.66 -2.35 -13.76
N GLU D 17 -20.98 -3.44 -14.45
CA GLU D 17 -20.07 -4.58 -14.42
C GLU D 17 -18.77 -4.27 -15.15
N ILE D 18 -18.85 -3.49 -16.22
CA ILE D 18 -17.65 -3.12 -16.93
C ILE D 18 -16.74 -2.25 -16.03
N GLN D 19 -17.32 -1.28 -15.37
CA GLN D 19 -16.56 -0.41 -14.49
C GLN D 19 -15.87 -1.15 -13.36
N ILE D 20 -16.55 -2.16 -12.82
CA ILE D 20 -15.95 -3.03 -11.79
C ILE D 20 -14.69 -3.77 -12.26
N ILE D 21 -14.74 -4.27 -13.51
CA ILE D 21 -13.56 -4.93 -14.12
C ILE D 21 -12.41 -3.95 -14.37
N TYR D 22 -12.75 -2.77 -14.86
CA TYR D 22 -11.75 -1.80 -15.25
C TYR D 22 -11.06 -1.14 -14.03
N ALA D 23 -11.78 -1.00 -12.92
CA ALA D 23 -11.22 -0.26 -11.79
C ALA D 23 -9.88 -0.78 -11.25
N PRO D 24 -9.74 -2.10 -10.94
CA PRO D 24 -8.38 -2.51 -10.46
C PRO D 24 -7.30 -2.45 -11.54
N ILE D 25 -7.71 -2.60 -12.79
CA ILE D 25 -6.81 -2.46 -13.91
C ILE D 25 -6.20 -1.06 -13.92
N VAL D 26 -7.06 -0.04 -13.81
CA VAL D 26 -6.62 1.33 -13.72
C VAL D 26 -5.77 1.54 -12.44
N LEU D 27 -6.28 1.04 -11.31
CA LEU D 27 -5.66 1.40 -10.03
C LEU D 27 -4.35 0.65 -9.76
N ASN D 28 -4.24 -0.58 -10.25
CA ASN D 28 -3.14 -1.45 -9.80
C ASN D 28 -2.18 -1.93 -10.86
N THR D 29 -2.45 -1.59 -12.12
CA THR D 29 -1.64 -2.12 -13.22
C THR D 29 -1.33 -1.00 -14.21
N ALA D 30 -0.37 -1.24 -15.10
CA ALA D 30 -0.08 -0.39 -16.23
C ALA D 30 -0.78 -0.91 -17.49
N ILE D 31 -1.69 -1.87 -17.34
CA ILE D 31 -2.42 -2.38 -18.51
C ILE D 31 -3.27 -1.27 -19.15
N SER D 32 -3.68 -0.30 -18.33
CA SER D 32 -4.30 0.92 -18.82
C SER D 32 -3.50 2.13 -18.32
N PHE D 33 -3.34 3.12 -19.17
CA PHE D 33 -2.58 4.29 -18.77
C PHE D 33 -3.47 5.40 -18.22
N GLU D 34 -4.75 5.11 -18.00
CA GLU D 34 -5.58 6.04 -17.21
C GLU D 34 -5.11 5.95 -15.77
N GLU D 35 -5.33 7.00 -14.98
CA GLU D 35 -4.92 6.97 -13.59
C GLU D 35 -6.11 7.06 -12.65
N ALA D 36 -7.21 7.67 -13.12
CA ALA D 36 -8.44 7.73 -12.35
C ALA D 36 -9.51 6.77 -12.90
N VAL D 37 -10.29 6.16 -12.00
CA VAL D 37 -11.34 5.25 -12.41
C VAL D 37 -12.55 6.03 -12.92
N PRO D 38 -12.95 5.81 -14.16
CA PRO D 38 -14.15 6.49 -14.64
C PRO D 38 -15.38 6.07 -13.84
N SER D 39 -16.32 6.98 -13.62
CA SER D 39 -17.55 6.65 -12.93
C SER D 39 -18.43 5.77 -13.84
N VAL D 40 -19.48 5.17 -13.30
CA VAL D 40 -20.29 4.32 -14.14
C VAL D 40 -21.01 5.16 -15.22
N GLU D 41 -21.35 6.41 -14.91
CA GLU D 41 -22.00 7.25 -15.91
C GLU D 41 -21.03 7.56 -17.05
N GLN D 42 -19.75 7.75 -16.72
CA GLN D 42 -18.77 7.93 -17.78
C GLN D 42 -18.67 6.65 -18.65
N MET D 43 -18.65 5.46 -18.02
CA MET D 43 -18.61 4.20 -18.74
C MET D 43 -19.83 4.06 -19.66
N ARG D 44 -20.98 4.52 -19.18
CA ARG D 44 -22.24 4.48 -19.93
C ARG D 44 -22.11 5.25 -21.22
N GLU D 45 -21.54 6.46 -21.11
CA GLU D 45 -21.36 7.33 -22.24
C GLU D 45 -20.29 6.78 -23.21
N ARG D 46 -19.22 6.20 -22.65
CA ARG D 46 -18.17 5.57 -23.49
C ARG D 46 -18.76 4.44 -24.35
N ILE D 47 -19.56 3.57 -23.74
CA ILE D 47 -20.17 2.45 -24.48
C ILE D 47 -21.10 3.01 -25.59
N SER D 48 -22.01 3.92 -25.25
CA SER D 48 -22.93 4.49 -26.20
C SER D 48 -22.18 5.25 -27.30
N THR D 49 -21.20 6.03 -26.92
CA THR D 49 -20.45 6.74 -27.91
C THR D 49 -19.69 5.76 -28.82
N THR D 50 -19.04 4.74 -28.23
CA THR D 50 -18.29 3.79 -29.04
C THR D 50 -19.21 3.13 -30.06
N LEU D 51 -20.41 2.78 -29.63
CA LEU D 51 -21.35 2.04 -30.44
C LEU D 51 -21.93 2.84 -31.64
N GLN D 52 -21.88 4.17 -31.59
CA GLN D 52 -22.32 4.97 -32.72
C GLN D 52 -21.47 4.64 -33.95
N THR D 53 -20.26 4.12 -33.74
CA THR D 53 -19.41 3.81 -34.90
C THR D 53 -18.67 2.45 -34.88
N TYR D 54 -18.32 1.93 -33.69
CA TYR D 54 -17.52 0.70 -33.60
C TYR D 54 -18.22 -0.41 -32.81
N PRO D 55 -17.80 -1.68 -32.99
CA PRO D 55 -18.30 -2.70 -32.10
C PRO D 55 -17.71 -2.56 -30.70
N TYR D 56 -18.53 -2.91 -29.72
CA TYR D 56 -18.15 -3.00 -28.33
C TYR D 56 -18.80 -4.30 -27.87
N LEU D 57 -17.99 -5.24 -27.39
CA LEU D 57 -18.45 -6.56 -26.99
C LEU D 57 -18.18 -6.85 -25.53
N VAL D 58 -18.98 -7.73 -24.94
CA VAL D 58 -18.70 -8.31 -23.64
C VAL D 58 -18.66 -9.83 -23.71
N ALA D 59 -17.79 -10.43 -22.90
CA ALA D 59 -17.84 -11.86 -22.64
C ALA D 59 -18.63 -12.10 -21.36
N VAL D 60 -19.62 -12.98 -21.42
CA VAL D 60 -20.39 -13.27 -20.20
C VAL D 60 -20.31 -14.75 -19.86
N ARG D 61 -20.19 -15.06 -18.58
CA ARG D 61 -20.20 -16.44 -18.11
C ARG D 61 -21.04 -16.50 -16.86
N GLU D 62 -22.04 -17.39 -16.89
CA GLU D 62 -22.95 -17.57 -15.74
C GLU D 62 -23.66 -16.26 -15.46
N GLY D 63 -24.10 -15.61 -16.55
CA GLY D 63 -24.80 -14.34 -16.49
C GLY D 63 -23.98 -13.11 -16.03
N ARG D 64 -22.68 -13.29 -15.75
CA ARG D 64 -21.84 -12.18 -15.31
C ARG D 64 -20.86 -11.72 -16.41
N VAL D 65 -20.64 -10.41 -16.59
CA VAL D 65 -19.53 -9.98 -17.47
C VAL D 65 -18.17 -10.35 -16.95
N VAL D 66 -17.33 -11.02 -17.76
CA VAL D 66 -16.00 -11.47 -17.32
C VAL D 66 -14.87 -10.89 -18.17
N GLY D 67 -15.24 -10.07 -19.15
CA GLY D 67 -14.27 -9.48 -20.05
C GLY D 67 -15.00 -8.62 -21.06
N TYR D 68 -14.30 -7.66 -21.65
CA TYR D 68 -14.91 -6.86 -22.68
C TYR D 68 -13.89 -6.40 -23.70
N ALA D 69 -14.38 -5.87 -24.82
CA ALA D 69 -13.48 -5.44 -25.92
C ALA D 69 -14.20 -4.41 -26.74
N TYR D 70 -13.47 -3.48 -27.31
CA TYR D 70 -14.06 -2.50 -28.20
C TYR D 70 -13.04 -1.99 -29.21
N ALA D 71 -13.55 -1.43 -30.31
CA ALA D 71 -12.67 -0.82 -31.29
C ALA D 71 -12.77 0.70 -31.14
N SER D 72 -11.74 1.40 -31.60
CA SER D 72 -11.75 2.86 -31.58
C SER D 72 -10.88 3.40 -32.70
N GLN D 73 -10.90 4.71 -32.88
CA GLN D 73 -10.20 5.38 -33.95
C GLN D 73 -8.71 5.29 -33.76
N HIS D 74 -7.98 5.04 -34.84
CA HIS D 74 -6.53 4.91 -34.70
C HIS D 74 -5.90 6.32 -34.62
N ARG D 75 -6.14 7.12 -35.65
CA ARG D 75 -5.70 8.51 -35.64
C ARG D 75 -6.75 9.34 -36.35
N ALA D 76 -6.70 10.65 -36.15
CA ALA D 76 -7.79 11.47 -36.66
C ALA D 76 -7.73 11.85 -38.15
N ARG D 77 -6.55 12.00 -38.72
CA ARG D 77 -6.51 12.57 -40.09
C ARG D 77 -7.08 11.58 -41.08
N ALA D 78 -7.69 12.15 -42.12
CA ALA D 78 -8.45 11.38 -43.12
C ALA D 78 -7.77 10.11 -43.64
N ALA D 79 -6.51 10.20 -44.01
CA ALA D 79 -5.83 9.08 -44.66
C ALA D 79 -5.72 7.85 -43.74
N TYR D 80 -5.88 8.05 -42.43
CA TYR D 80 -5.84 6.95 -41.48
C TYR D 80 -7.12 6.17 -41.36
N ARG D 81 -8.15 6.50 -42.14
CA ARG D 81 -9.47 5.94 -41.80
C ARG D 81 -9.63 4.41 -41.89
N TRP D 82 -8.70 3.73 -42.56
CA TRP D 82 -8.75 2.27 -42.64
C TRP D 82 -7.94 1.54 -41.56
N ALA D 83 -7.30 2.29 -40.67
CA ALA D 83 -6.65 1.67 -39.51
C ALA D 83 -7.62 1.78 -38.32
N VAL D 84 -7.66 0.76 -37.46
CA VAL D 84 -8.56 0.78 -36.28
C VAL D 84 -7.82 0.26 -35.03
N ASP D 85 -8.09 0.84 -33.87
CA ASP D 85 -7.49 0.33 -32.61
C ASP D 85 -8.44 -0.64 -31.98
N VAL D 86 -7.89 -1.70 -31.39
CA VAL D 86 -8.67 -2.67 -30.62
C VAL D 86 -8.11 -2.73 -29.19
N THR D 87 -9.00 -2.89 -28.22
CA THR D 87 -8.62 -2.97 -26.82
C THR D 87 -9.43 -4.11 -26.22
N VAL D 88 -8.76 -5.03 -25.51
CA VAL D 88 -9.43 -6.14 -24.82
C VAL D 88 -9.06 -6.21 -23.34
N TYR D 89 -10.04 -6.42 -22.47
CA TYR D 89 -9.77 -6.56 -21.02
C TYR D 89 -10.45 -7.81 -20.48
N VAL D 90 -9.79 -8.48 -19.53
CA VAL D 90 -10.36 -9.67 -18.90
C VAL D 90 -10.36 -9.47 -17.38
N ALA D 91 -11.45 -9.85 -16.72
CA ALA D 91 -11.52 -9.80 -15.28
C ALA D 91 -10.36 -10.59 -14.63
N GLU D 92 -9.81 -10.05 -13.53
CA GLU D 92 -8.78 -10.80 -12.78
C GLU D 92 -9.35 -12.03 -12.11
N GLY D 93 -8.58 -13.11 -12.12
CA GLY D 93 -9.06 -14.40 -11.60
C GLY D 93 -9.94 -15.07 -12.62
N GLN D 94 -9.95 -14.53 -13.84
CA GLN D 94 -10.70 -15.10 -14.95
C GLN D 94 -9.78 -15.16 -16.17
N ARG D 95 -8.51 -14.80 -15.96
CA ARG D 95 -7.56 -14.88 -17.04
C ARG D 95 -7.31 -16.35 -17.35
N ARG D 96 -6.31 -16.67 -18.15
CA ARG D 96 -6.18 -18.08 -18.57
C ARG D 96 -7.35 -18.39 -19.51
N SER D 97 -8.44 -18.98 -18.94
CA SER D 97 -9.56 -19.58 -19.71
C SER D 97 -10.00 -19.08 -21.11
N GLY D 98 -9.12 -18.38 -21.81
CA GLY D 98 -9.34 -18.03 -23.21
C GLY D 98 -10.41 -16.98 -23.48
N ILE D 99 -10.70 -16.14 -22.50
CA ILE D 99 -11.75 -15.10 -22.69
C ILE D 99 -11.33 -14.08 -23.79
N ALA D 100 -10.08 -13.60 -23.73
CA ALA D 100 -9.59 -12.61 -24.67
C ALA D 100 -9.49 -13.19 -26.08
N ARG D 101 -9.08 -14.44 -26.20
CA ARG D 101 -9.07 -15.08 -27.53
C ARG D 101 -10.47 -15.07 -28.11
N GLN D 102 -11.44 -15.51 -27.31
CA GLN D 102 -12.81 -15.55 -27.75
C GLN D 102 -13.32 -14.15 -28.16
N LEU D 103 -12.91 -13.12 -27.44
CA LEU D 103 -13.33 -11.78 -27.76
C LEU D 103 -12.75 -11.31 -29.11
N TYR D 104 -11.46 -11.56 -29.33
CA TYR D 104 -10.83 -11.26 -30.62
C TYR D 104 -11.42 -12.07 -31.79
N ASP D 105 -11.66 -13.36 -31.58
CA ASP D 105 -12.26 -14.22 -32.60
C ASP D 105 -13.61 -13.71 -33.12
N VAL D 106 -14.29 -12.89 -32.34
CA VAL D 106 -15.53 -12.26 -32.81
C VAL D 106 -15.24 -10.87 -33.36
N LEU D 107 -14.42 -10.13 -32.64
CA LEU D 107 -14.17 -8.74 -32.94
C LEU D 107 -13.47 -8.54 -34.31
N LEU D 108 -12.40 -9.29 -34.53
CA LEU D 108 -11.62 -9.21 -35.76
C LEU D 108 -12.47 -9.47 -37.04
N PRO D 109 -13.24 -10.57 -37.11
CA PRO D 109 -14.07 -10.69 -38.31
C PRO D 109 -15.06 -9.53 -38.49
N VAL D 110 -15.57 -8.96 -37.40
CA VAL D 110 -16.49 -7.85 -37.54
C VAL D 110 -15.77 -6.64 -38.14
N LEU D 111 -14.56 -6.37 -37.70
CA LEU D 111 -13.87 -5.23 -38.27
C LEU D 111 -13.53 -5.50 -39.74
N LYS D 112 -13.18 -6.74 -40.07
CA LYS D 112 -12.90 -7.10 -41.46
C LYS D 112 -14.10 -6.78 -42.38
N ARG D 113 -15.28 -7.25 -42.02
N ARG D 113 -15.29 -7.26 -42.01
CA ARG D 113 -16.47 -7.02 -42.84
CA ARG D 113 -16.52 -7.04 -42.80
C ARG D 113 -16.80 -5.52 -43.00
C ARG D 113 -16.87 -5.54 -42.94
N LEU D 114 -16.44 -4.71 -42.00
CA LEU D 114 -16.74 -3.29 -42.03
C LEU D 114 -15.76 -2.54 -42.95
N GLY D 115 -14.70 -3.20 -43.38
CA GLY D 115 -13.79 -2.61 -44.36
C GLY D 115 -12.52 -2.00 -43.81
N TYR D 116 -12.14 -2.31 -42.56
CA TYR D 116 -10.86 -1.84 -42.05
C TYR D 116 -9.77 -2.67 -42.70
N ARG D 117 -8.59 -2.08 -42.86
CA ARG D 117 -7.47 -2.79 -43.47
C ARG D 117 -6.51 -3.28 -42.42
N SER D 118 -6.45 -2.59 -41.28
CA SER D 118 -5.68 -3.17 -40.21
C SER D 118 -6.15 -2.71 -38.84
N ALA D 119 -5.90 -3.56 -37.85
CA ALA D 119 -6.23 -3.29 -36.45
C ALA D 119 -4.98 -3.30 -35.62
N TYR D 120 -4.89 -2.37 -34.69
CA TYR D 120 -3.70 -2.26 -33.80
C TYR D 120 -4.01 -2.46 -32.33
N ALA D 121 -3.16 -3.23 -31.69
CA ALA D 121 -3.27 -3.50 -30.24
C ALA D 121 -2.03 -2.95 -29.59
N GLY D 122 -2.22 -2.08 -28.58
CA GLY D 122 -1.10 -1.60 -27.78
C GLY D 122 -1.04 -2.46 -26.52
N ILE D 123 0.15 -2.90 -26.17
CA ILE D 123 0.35 -3.73 -25.02
C ILE D 123 1.47 -3.09 -24.16
N ALA D 124 1.20 -2.86 -22.88
CA ALA D 124 2.27 -2.38 -21.99
C ALA D 124 3.23 -3.56 -21.70
N LEU D 125 4.54 -3.31 -21.81
CA LEU D 125 5.52 -4.40 -21.73
C LEU D 125 6.32 -4.32 -20.45
N PRO D 126 6.78 -5.48 -19.92
CA PRO D 126 6.58 -6.83 -20.46
C PRO D 126 5.16 -7.37 -20.24
N ASN D 127 4.70 -8.22 -21.17
CA ASN D 127 3.50 -8.99 -20.98
C ASN D 127 3.59 -10.14 -21.95
N GLU D 128 4.40 -11.13 -21.58
CA GLU D 128 4.68 -12.26 -22.45
C GLU D 128 3.39 -13.00 -22.79
N GLY D 129 2.48 -13.08 -21.84
CA GLY D 129 1.22 -13.79 -22.04
C GLY D 129 0.40 -13.12 -23.12
N SER D 130 0.26 -11.80 -23.02
CA SER D 130 -0.48 -11.08 -24.04
C SER D 130 0.25 -11.09 -25.41
N VAL D 131 1.57 -10.98 -25.39
CA VAL D 131 2.33 -11.00 -26.65
C VAL D 131 2.11 -12.34 -27.36
N GLY D 132 2.30 -13.43 -26.62
CA GLY D 132 2.02 -14.77 -27.10
C GLY D 132 0.62 -14.90 -27.71
N LEU D 133 -0.43 -14.44 -27.02
CA LEU D 133 -1.78 -14.48 -27.59
C LEU D 133 -1.90 -13.72 -28.91
N HIS D 134 -1.38 -12.51 -28.93
CA HIS D 134 -1.53 -11.67 -30.12
C HIS D 134 -0.80 -12.31 -31.28
N GLU D 135 0.41 -12.77 -31.02
CA GLU D 135 1.17 -13.47 -32.05
C GLU D 135 0.46 -14.72 -32.56
N ARG D 136 -0.17 -15.49 -31.66
CA ARG D 136 -0.91 -16.68 -32.11
C ARG D 136 -2.12 -16.31 -32.91
N LEU D 137 -2.68 -15.12 -32.65
CA LEU D 137 -3.84 -14.65 -33.41
C LEU D 137 -3.47 -14.20 -34.82
N GLY D 138 -2.17 -14.04 -35.08
CA GLY D 138 -1.72 -13.56 -36.38
C GLY D 138 -1.30 -12.08 -36.41
N PHE D 139 -1.16 -11.46 -35.24
CA PHE D 139 -0.71 -10.07 -35.16
C PHE D 139 0.82 -10.07 -35.36
N GLN D 140 1.38 -8.99 -35.91
CA GLN D 140 2.82 -8.83 -36.00
C GLN D 140 3.26 -7.65 -35.14
N HIS D 141 4.34 -7.83 -34.38
CA HIS D 141 4.91 -6.71 -33.64
C HIS D 141 5.52 -5.71 -34.62
N ILE D 142 5.15 -4.43 -34.53
CA ILE D 142 5.67 -3.44 -35.48
C ILE D 142 6.39 -2.25 -34.82
N GLY D 143 6.45 -2.23 -33.51
CA GLY D 143 7.17 -1.17 -32.83
C GLY D 143 6.98 -1.15 -31.35
N THR D 144 7.93 -0.54 -30.66
CA THR D 144 7.83 -0.35 -29.22
C THR D 144 8.22 1.09 -28.88
N PHE D 145 7.37 1.75 -28.13
CA PHE D 145 7.63 3.08 -27.59
C PHE D 145 8.18 2.92 -26.17
N PRO D 146 9.49 3.02 -26.01
CA PRO D 146 10.15 2.68 -24.73
C PRO D 146 9.98 3.78 -23.73
N GLN D 147 9.69 3.42 -22.49
CA GLN D 147 9.55 4.38 -21.39
C GLN D 147 8.61 5.52 -21.75
N VAL D 148 7.55 5.21 -22.48
CA VAL D 148 6.65 6.23 -22.99
C VAL D 148 5.64 6.70 -21.93
N GLY D 149 5.30 5.83 -20.99
CA GLY D 149 4.35 6.23 -19.92
C GLY D 149 5.00 6.10 -18.54
N PHE D 150 4.53 6.91 -17.60
CA PHE D 150 4.95 6.77 -16.22
C PHE D 150 3.71 6.53 -15.35
N LYS D 151 3.72 5.45 -14.59
CA LYS D 151 2.61 5.08 -13.73
C LYS D 151 3.07 4.11 -12.65
N LEU D 152 2.55 4.28 -11.44
CA LEU D 152 2.86 3.38 -10.33
C LEU D 152 4.38 3.21 -10.16
N ASP D 153 5.07 4.33 -9.94
CA ASP D 153 6.51 4.36 -9.61
C ASP D 153 7.46 3.71 -10.62
N ALA D 154 7.03 3.65 -11.87
CA ALA D 154 7.87 3.09 -12.94
C ALA D 154 7.53 3.70 -14.30
N TRP D 155 8.50 3.69 -15.22
CA TRP D 155 8.29 4.04 -16.62
C TRP D 155 7.98 2.76 -17.37
N HIS D 156 7.15 2.85 -18.42
CA HIS D 156 6.65 1.68 -19.11
C HIS D 156 6.80 1.79 -20.60
N ASP D 157 7.33 0.73 -21.22
CA ASP D 157 7.36 0.59 -22.68
C ASP D 157 5.95 0.22 -23.16
N VAL D 158 5.59 0.65 -24.35
CA VAL D 158 4.32 0.18 -24.96
C VAL D 158 4.62 -0.31 -26.36
N GLY D 159 4.24 -1.54 -26.67
CA GLY D 159 4.45 -2.07 -28.02
C GLY D 159 3.16 -2.23 -28.81
N TYR D 160 3.25 -2.06 -30.12
CA TYR D 160 2.06 -2.19 -30.96
C TYR D 160 2.09 -3.42 -31.82
N TRP D 161 0.96 -4.15 -31.79
CA TRP D 161 0.79 -5.34 -32.61
C TRP D 161 -0.25 -5.05 -33.68
N ARG D 162 0.06 -5.44 -34.91
CA ARG D 162 -0.82 -5.16 -36.04
C ARG D 162 -1.38 -6.43 -36.64
N PHE D 163 -2.71 -6.47 -36.77
CA PHE D 163 -3.39 -7.47 -37.59
C PHE D 163 -3.82 -6.85 -38.92
N ASP D 164 -3.27 -7.42 -40.00
CA ASP D 164 -3.52 -6.98 -41.36
C ASP D 164 -4.70 -7.75 -41.99
N PHE D 165 -5.78 -7.04 -42.29
CA PHE D 165 -6.97 -7.66 -42.86
C PHE D 165 -6.79 -7.96 -44.34
N GLY D 166 -5.73 -7.40 -44.94
CA GLY D 166 -5.48 -7.53 -46.36
C GLY D 166 -6.30 -6.55 -47.19
N ASP D 167 -6.28 -6.74 -48.50
CA ASP D 167 -7.02 -5.89 -49.43
C ASP D 167 -6.59 -4.42 -49.34
N GLU D 168 -5.28 -4.19 -49.27
CA GLU D 168 -4.78 -2.85 -49.45
C GLU D 168 -4.69 -2.58 -50.95
N GLY D 169 -5.85 -2.38 -51.58
CA GLY D 169 -5.98 -2.24 -53.02
C GLY D 169 -5.98 -0.80 -53.49
N LEU D 170 -6.24 -0.57 -54.76
CA LEU D 170 -6.12 0.79 -55.29
C LEU D 170 -7.39 1.66 -55.19
N HIS D 171 -8.53 1.08 -54.89
CA HIS D 171 -9.73 1.91 -54.69
C HIS D 171 -10.55 1.52 -53.47
N PRO D 172 -9.96 1.68 -52.27
CA PRO D 172 -10.66 1.31 -51.03
C PRO D 172 -11.83 2.24 -50.73
N GLU D 173 -12.96 1.68 -50.33
CA GLU D 173 -14.09 2.47 -49.82
C GLU D 173 -13.94 2.64 -48.32
N ALA D 174 -14.36 3.79 -47.81
CA ALA D 174 -14.33 4.10 -46.38
C ALA D 174 -15.06 3.01 -45.60
N PRO D 175 -14.54 2.63 -44.43
CA PRO D 175 -15.22 1.58 -43.65
C PRO D 175 -16.65 2.01 -43.27
N LEU D 176 -17.55 1.06 -43.12
CA LEU D 176 -18.91 1.33 -42.65
C LEU D 176 -19.04 1.27 -41.13
N GLY D 177 -20.01 2.02 -40.58
CA GLY D 177 -20.27 2.05 -39.14
C GLY D 177 -20.83 0.73 -38.66
N PHE D 178 -20.43 0.30 -37.47
CA PHE D 178 -21.04 -0.89 -36.84
C PHE D 178 -22.55 -0.59 -36.70
N LEU D 179 -23.37 -1.48 -37.24
CA LEU D 179 -24.84 -1.28 -37.25
C LEU D 179 -25.25 0.04 -37.93
N SER D 180 -24.70 0.24 -39.13
CA SER D 180 -24.39 1.56 -39.74
C SER D 180 -25.45 2.65 -39.85
N GLN D 181 -26.62 2.33 -40.43
CA GLN D 181 -27.67 3.36 -40.59
C GLN D 181 -28.57 3.51 -39.36
N GLY E 4 20.89 34.12 -42.89
CA GLY E 4 21.52 32.96 -42.19
C GLY E 4 20.48 32.18 -41.40
N ILE E 5 19.20 32.59 -41.50
CA ILE E 5 18.08 31.96 -40.80
C ILE E 5 17.97 32.30 -39.32
N ASP E 6 16.86 32.93 -38.93
CA ASP E 6 16.54 33.18 -37.51
C ASP E 6 15.31 32.37 -37.09
N ILE E 7 15.33 31.85 -35.86
CA ILE E 7 14.20 31.09 -35.34
C ILE E 7 13.43 31.89 -34.29
N ARG E 8 12.12 32.03 -34.52
CA ARG E 8 11.28 32.88 -33.68
C ARG E 8 10.07 32.12 -33.23
N VAL E 9 9.43 32.62 -32.19
CA VAL E 9 8.16 32.05 -31.78
C VAL E 9 7.09 32.51 -32.76
N ALA E 10 6.32 31.55 -33.26
CA ALA E 10 5.29 31.82 -34.23
C ALA E 10 4.16 32.62 -33.61
N ARG E 11 3.48 33.35 -34.46
CA ARG E 11 2.26 34.06 -34.05
C ARG E 11 1.19 33.88 -35.11
N PRO E 12 -0.09 34.13 -34.77
CA PRO E 12 -1.13 33.91 -35.77
C PRO E 12 -0.96 34.76 -37.02
N GLU E 13 -0.24 35.87 -36.92
CA GLU E 13 0.00 36.65 -38.12
C GLU E 13 0.89 35.91 -39.13
N ASP E 14 1.54 34.82 -38.71
CA ASP E 14 2.33 33.99 -39.63
C ASP E 14 1.44 33.02 -40.47
N ALA E 15 0.14 33.02 -40.24
CA ALA E 15 -0.75 32.01 -40.78
C ALA E 15 -0.72 31.94 -42.31
N GLU E 16 -0.73 33.06 -43.00
CA GLU E 16 -0.77 33.01 -44.45
C GLU E 16 0.52 32.44 -45.06
N GLU E 17 1.67 32.78 -44.47
CA GLU E 17 2.92 32.22 -44.94
C GLU E 17 3.06 30.73 -44.61
N ILE E 18 2.59 30.34 -43.42
CA ILE E 18 2.59 28.95 -43.04
C ILE E 18 1.67 28.12 -43.96
N GLN E 19 0.47 28.64 -44.25
CA GLN E 19 -0.43 27.92 -45.16
C GLN E 19 0.16 27.70 -46.56
N ILE E 20 0.87 28.71 -47.07
CA ILE E 20 1.55 28.59 -48.36
C ILE E 20 2.65 27.51 -48.39
N ILE E 21 3.30 27.30 -47.25
CA ILE E 21 4.20 26.15 -47.10
C ILE E 21 3.42 24.86 -47.07
N TYR E 22 2.31 24.87 -46.31
CA TYR E 22 1.58 23.66 -45.99
C TYR E 22 0.69 23.20 -47.19
N ALA E 23 0.24 24.14 -48.02
CA ALA E 23 -0.64 23.80 -49.13
C ALA E 23 -0.12 22.68 -50.05
N PRO E 24 1.08 22.84 -50.63
CA PRO E 24 1.55 21.77 -51.52
C PRO E 24 1.90 20.48 -50.80
N ILE E 25 2.26 20.57 -49.53
CA ILE E 25 2.46 19.37 -48.72
C ILE E 25 1.14 18.57 -48.65
N VAL E 26 0.03 19.25 -48.39
CA VAL E 26 -1.26 18.53 -48.33
C VAL E 26 -1.72 17.99 -49.69
N LEU E 27 -1.59 18.81 -50.72
CA LEU E 27 -2.13 18.49 -52.04
C LEU E 27 -1.30 17.48 -52.83
N ASN E 28 0.02 17.51 -52.63
CA ASN E 28 0.95 16.78 -53.47
C ASN E 28 1.66 15.62 -52.83
N THR E 29 1.65 15.52 -51.50
CA THR E 29 2.49 14.51 -50.86
C THR E 29 1.74 13.74 -49.79
N ALA E 30 2.45 12.77 -49.19
CA ALA E 30 1.91 12.04 -48.05
C ALA E 30 2.60 12.49 -46.78
N ILE E 31 3.39 13.57 -46.87
CA ILE E 31 4.14 14.08 -45.74
C ILE E 31 3.16 14.46 -44.64
N SER E 32 2.02 15.01 -45.06
CA SER E 32 0.88 15.14 -44.17
C SER E 32 -0.25 14.21 -44.63
N PHE E 33 -0.98 13.60 -43.67
CA PHE E 33 -2.10 12.74 -44.03
C PHE E 33 -3.41 13.51 -44.09
N GLU E 34 -3.34 14.83 -43.92
CA GLU E 34 -4.50 15.68 -44.23
C GLU E 34 -4.77 15.68 -45.73
N GLU E 35 -6.03 15.85 -46.07
CA GLU E 35 -6.45 15.82 -47.47
C GLU E 35 -6.97 17.14 -47.98
N ALA E 36 -7.43 18.01 -47.10
CA ALA E 36 -7.89 19.33 -47.50
C ALA E 36 -6.92 20.37 -46.91
N VAL E 37 -6.70 21.47 -47.63
CA VAL E 37 -5.87 22.54 -47.13
C VAL E 37 -6.65 23.43 -46.21
N PRO E 38 -6.22 23.55 -44.95
CA PRO E 38 -6.96 24.39 -43.99
C PRO E 38 -6.95 25.85 -44.48
N SER E 39 -8.03 26.59 -44.21
CA SER E 39 -8.03 28.02 -44.44
C SER E 39 -6.96 28.79 -43.64
N VAL E 40 -6.71 30.02 -44.01
CA VAL E 40 -5.85 30.92 -43.23
C VAL E 40 -6.42 31.11 -41.83
N GLU E 41 -7.76 31.26 -41.74
CA GLU E 41 -8.43 31.41 -40.43
C GLU E 41 -8.25 30.18 -39.55
N GLN E 42 -8.40 29.00 -40.13
CA GLN E 42 -8.18 27.76 -39.39
C GLN E 42 -6.74 27.68 -38.90
N MET E 43 -5.78 28.01 -39.78
CA MET E 43 -4.36 27.93 -39.42
C MET E 43 -4.07 28.91 -38.28
N ARG E 44 -4.71 30.09 -38.35
CA ARG E 44 -4.62 31.03 -37.25
C ARG E 44 -5.02 30.41 -35.93
N GLU E 45 -6.17 29.70 -35.95
CA GLU E 45 -6.69 29.01 -34.78
C GLU E 45 -5.73 27.89 -34.31
N ARG E 46 -5.21 27.11 -35.26
CA ARG E 46 -4.20 26.09 -34.92
C ARG E 46 -2.98 26.65 -34.15
N ILE E 47 -2.45 27.78 -34.64
CA ILE E 47 -1.31 28.43 -34.03
C ILE E 47 -1.59 28.94 -32.62
N SER E 48 -2.67 29.69 -32.47
CA SER E 48 -3.09 30.16 -31.13
C SER E 48 -3.39 29.02 -30.18
N THR E 49 -4.09 28.00 -30.68
CA THR E 49 -4.49 26.87 -29.82
C THR E 49 -3.24 26.13 -29.34
N THR E 50 -2.33 25.87 -30.25
CA THR E 50 -1.08 25.20 -29.91
C THR E 50 -0.33 25.97 -28.80
N LEU E 51 -0.20 27.28 -29.02
CA LEU E 51 0.57 28.14 -28.12
C LEU E 51 0.02 28.20 -26.70
N GLN E 52 -1.20 27.71 -26.48
CA GLN E 52 -1.72 27.63 -25.12
C GLN E 52 -0.88 26.68 -24.27
N THR E 53 -0.27 25.66 -24.88
CA THR E 53 0.54 24.79 -24.07
C THR E 53 1.92 24.42 -24.61
N TYR E 54 2.10 24.50 -25.93
CA TYR E 54 3.33 24.02 -26.57
C TYR E 54 4.06 25.12 -27.34
N PRO E 55 5.38 24.95 -27.55
CA PRO E 55 6.06 25.90 -28.43
C PRO E 55 5.63 25.70 -29.89
N TYR E 56 5.49 26.82 -30.60
CA TYR E 56 5.32 26.82 -32.06
C TYR E 56 6.36 27.78 -32.61
N LEU E 57 7.16 27.33 -33.57
CA LEU E 57 8.29 28.13 -34.08
C LEU E 57 8.22 28.33 -35.60
N VAL E 58 8.73 29.46 -36.07
CA VAL E 58 9.02 29.67 -37.50
C VAL E 58 10.49 29.97 -37.75
N ALA E 59 11.01 29.42 -38.85
CA ALA E 59 12.34 29.73 -39.33
C ALA E 59 12.16 30.83 -40.36
N VAL E 60 12.87 31.94 -40.18
CA VAL E 60 12.71 33.09 -41.06
C VAL E 60 14.00 33.45 -41.77
N ARG E 61 13.96 33.50 -43.10
CA ARG E 61 15.10 33.99 -43.90
C ARG E 61 14.67 35.11 -44.85
N GLU E 62 15.32 36.25 -44.70
CA GLU E 62 15.08 37.43 -45.54
C GLU E 62 13.65 37.90 -45.37
N GLY E 63 13.22 37.97 -44.12
CA GLY E 63 11.89 38.45 -43.82
C GLY E 63 10.77 37.47 -44.11
N ARG E 64 11.08 36.29 -44.65
CA ARG E 64 10.04 35.32 -44.97
C ARG E 64 10.14 34.01 -44.18
N VAL E 65 9.00 33.52 -43.67
CA VAL E 65 8.92 32.16 -43.17
C VAL E 65 9.29 31.11 -44.22
N VAL E 66 10.25 30.27 -43.91
CA VAL E 66 10.75 29.23 -44.85
C VAL E 66 10.57 27.83 -44.24
N GLY E 67 10.05 27.82 -43.01
CA GLY E 67 9.74 26.58 -42.34
C GLY E 67 9.18 26.88 -40.96
N TYR E 68 8.59 25.85 -40.35
CA TYR E 68 7.96 26.02 -39.06
C TYR E 68 7.88 24.70 -38.34
N ALA E 69 7.69 24.77 -37.02
CA ALA E 69 7.70 23.56 -36.18
C ALA E 69 6.85 23.77 -34.95
N TYR E 70 6.18 22.70 -34.51
CA TYR E 70 5.38 22.78 -33.32
C TYR E 70 5.33 21.46 -32.62
N ALA E 71 4.98 21.51 -31.35
CA ALA E 71 4.81 20.30 -30.55
C ALA E 71 3.32 20.09 -30.28
N SER E 72 2.95 18.85 -29.96
CA SER E 72 1.56 18.53 -29.66
C SER E 72 1.49 17.31 -28.75
N GLN E 73 0.31 17.07 -28.19
CA GLN E 73 0.12 15.93 -27.26
C GLN E 73 0.44 14.62 -27.94
N HIS E 74 1.19 13.77 -27.29
CA HIS E 74 1.42 12.43 -27.87
C HIS E 74 0.14 11.57 -27.79
N ARG E 75 -0.41 11.37 -26.60
CA ARG E 75 -1.72 10.69 -26.49
C ARG E 75 -2.48 11.25 -25.32
N ALA E 76 -3.78 11.01 -25.28
CA ALA E 76 -4.65 11.68 -24.33
C ALA E 76 -4.46 11.19 -22.90
N ARG E 77 -4.26 9.89 -22.72
CA ARG E 77 -4.27 9.31 -21.35
C ARG E 77 -3.13 9.78 -20.43
N ALA E 78 -3.47 9.91 -19.15
CA ALA E 78 -2.67 10.62 -18.17
C ALA E 78 -1.23 10.16 -18.07
N ALA E 79 -1.00 8.84 -18.09
CA ALA E 79 0.36 8.34 -17.88
C ALA E 79 1.29 8.71 -19.06
N TYR E 80 0.72 9.20 -20.14
CA TYR E 80 1.49 9.56 -21.33
C TYR E 80 1.97 11.00 -21.29
N ARG E 81 1.72 11.68 -20.18
CA ARG E 81 1.90 13.15 -20.18
C ARG E 81 3.35 13.64 -20.36
N TRP E 82 4.34 12.76 -20.21
CA TRP E 82 5.72 13.19 -20.37
C TRP E 82 6.24 12.97 -21.78
N ALA E 83 5.36 12.46 -22.64
CA ALA E 83 5.68 12.22 -24.05
C ALA E 83 4.99 13.27 -24.86
N VAL E 84 5.66 13.73 -25.92
CA VAL E 84 5.19 14.84 -26.72
C VAL E 84 5.55 14.57 -28.18
N ASP E 85 4.64 14.89 -29.09
CA ASP E 85 4.92 14.78 -30.50
C ASP E 85 5.48 16.09 -31.07
N VAL E 86 6.35 15.98 -32.06
CA VAL E 86 6.89 17.14 -32.74
C VAL E 86 6.66 17.00 -34.26
N THR E 87 6.38 18.13 -34.90
CA THR E 87 6.15 18.19 -36.32
C THR E 87 6.92 19.35 -36.90
N VAL E 88 7.64 19.11 -37.99
CA VAL E 88 8.38 20.16 -38.69
C VAL E 88 8.20 20.10 -40.23
N TYR E 89 7.95 21.24 -40.86
CA TYR E 89 7.82 21.30 -42.33
C TYR E 89 8.67 22.47 -42.83
N VAL E 90 9.36 22.27 -43.95
CA VAL E 90 10.13 23.34 -44.54
C VAL E 90 9.70 23.55 -45.98
N ALA E 91 9.71 24.82 -46.41
CA ALA E 91 9.22 25.19 -47.73
C ALA E 91 9.88 24.40 -48.89
N GLU E 92 9.06 24.03 -49.87
CA GLU E 92 9.53 23.30 -51.05
C GLU E 92 10.60 24.09 -51.76
N GLY E 93 11.66 23.41 -52.20
CA GLY E 93 12.78 24.08 -52.82
C GLY E 93 13.74 24.69 -51.82
N GLN E 94 13.40 24.63 -50.53
CA GLN E 94 14.34 25.10 -49.51
C GLN E 94 14.66 23.98 -48.50
N ARG E 95 14.16 22.78 -48.81
CA ARG E 95 14.39 21.59 -47.99
C ARG E 95 15.86 21.20 -48.00
N ARG E 96 16.27 20.50 -46.95
CA ARG E 96 17.68 20.07 -46.76
C ARG E 96 18.65 21.25 -46.68
N SER E 97 19.45 21.27 -45.63
CA SER E 97 20.45 22.34 -45.40
C SER E 97 19.79 23.69 -45.23
N GLY E 98 19.49 24.07 -43.98
CA GLY E 98 19.50 23.20 -42.81
C GLY E 98 18.44 23.77 -41.84
N ILE E 99 17.26 24.04 -42.39
CA ILE E 99 16.18 24.69 -41.68
C ILE E 99 15.56 23.84 -40.58
N ALA E 100 15.29 22.58 -40.90
CA ALA E 100 14.69 21.68 -39.94
C ALA E 100 15.59 21.51 -38.67
N ARG E 101 16.89 21.32 -38.91
CA ARG E 101 17.86 21.19 -37.83
C ARG E 101 17.87 22.43 -36.93
N GLN E 102 17.82 23.61 -37.52
CA GLN E 102 17.80 24.84 -36.73
C GLN E 102 16.50 25.02 -35.95
N LEU E 103 15.39 24.53 -36.49
CA LEU E 103 14.12 24.56 -35.79
C LEU E 103 14.17 23.61 -34.57
N TYR E 104 14.73 22.42 -34.77
CA TYR E 104 14.81 21.43 -33.70
C TYR E 104 15.81 21.86 -32.63
N ASP E 105 16.85 22.59 -33.06
CA ASP E 105 17.85 23.04 -32.12
C ASP E 105 17.30 24.03 -31.08
N VAL E 106 16.13 24.61 -31.35
CA VAL E 106 15.46 25.41 -30.36
C VAL E 106 14.33 24.62 -29.71
N LEU E 107 13.55 23.94 -30.56
CA LEU E 107 12.37 23.19 -30.11
C LEU E 107 12.65 22.15 -29.03
N LEU E 108 13.63 21.29 -29.27
CA LEU E 108 13.95 20.21 -28.31
C LEU E 108 14.40 20.72 -26.94
N PRO E 109 15.39 21.64 -26.89
CA PRO E 109 15.74 22.11 -25.53
C PRO E 109 14.61 22.85 -24.81
N VAL E 110 13.73 23.56 -25.56
CA VAL E 110 12.56 24.17 -24.92
C VAL E 110 11.67 23.08 -24.30
N LEU E 111 11.37 22.03 -25.09
CA LEU E 111 10.57 20.92 -24.60
C LEU E 111 11.24 20.26 -23.37
N LYS E 112 12.56 20.03 -23.42
CA LYS E 112 13.26 19.42 -22.28
C LYS E 112 13.12 20.31 -21.05
N ARG E 113 13.32 21.61 -21.26
CA ARG E 113 13.20 22.61 -20.19
C ARG E 113 11.83 22.56 -19.53
N LEU E 114 10.80 22.24 -20.31
CA LEU E 114 9.44 22.28 -19.80
C LEU E 114 9.10 20.95 -19.12
N GLY E 115 9.99 19.99 -19.21
CA GLY E 115 9.88 18.77 -18.43
C GLY E 115 9.43 17.51 -19.17
N TYR E 116 9.38 17.55 -20.53
CA TYR E 116 9.06 16.34 -21.28
C TYR E 116 10.25 15.41 -21.23
N ARG E 117 9.96 14.11 -21.20
CA ARG E 117 11.00 13.09 -21.14
C ARG E 117 11.27 12.47 -22.52
N SER E 118 10.31 12.60 -23.46
CA SER E 118 10.60 12.15 -24.81
C SER E 118 9.76 12.82 -25.87
N ALA E 119 10.36 13.07 -27.03
CA ALA E 119 9.68 13.71 -28.15
C ALA E 119 9.58 12.73 -29.31
N TYR E 120 8.42 12.70 -29.97
CA TYR E 120 8.21 11.74 -31.06
C TYR E 120 7.89 12.38 -32.40
N ALA E 121 8.60 11.94 -33.43
CA ALA E 121 8.40 12.42 -34.80
C ALA E 121 7.84 11.30 -35.66
N GLY E 122 6.72 11.57 -36.34
CA GLY E 122 6.18 10.57 -37.26
C GLY E 122 6.55 10.96 -38.67
N ILE E 123 7.03 10.00 -39.44
CA ILE E 123 7.52 10.24 -40.81
C ILE E 123 6.90 9.25 -41.81
N ALA E 124 6.13 9.77 -42.75
CA ALA E 124 5.62 8.92 -43.85
C ALA E 124 6.81 8.42 -44.69
N LEU E 125 6.90 7.12 -44.88
CA LEU E 125 8.06 6.55 -45.54
C LEU E 125 7.74 6.08 -46.97
N PRO E 126 8.76 6.12 -47.88
CA PRO E 126 10.14 6.56 -47.70
C PRO E 126 10.33 8.07 -47.65
N ASN E 127 11.28 8.52 -46.83
CA ASN E 127 11.73 9.90 -46.84
C ASN E 127 13.15 9.94 -46.36
N GLU E 128 14.06 9.59 -47.27
CA GLU E 128 15.50 9.56 -47.00
C GLU E 128 16.00 10.83 -46.30
N GLY E 129 15.52 11.98 -46.75
CA GLY E 129 15.99 13.25 -46.24
C GLY E 129 15.59 13.53 -44.80
N SER E 130 14.33 13.22 -44.48
CA SER E 130 13.82 13.50 -43.14
C SER E 130 14.33 12.44 -42.15
N VAL E 131 14.46 11.20 -42.61
CA VAL E 131 15.02 10.16 -41.74
C VAL E 131 16.48 10.51 -41.38
N GLY E 132 17.26 10.91 -42.39
CA GLY E 132 18.68 11.20 -42.15
C GLY E 132 18.86 12.35 -41.16
N LEU E 133 18.03 13.37 -41.31
CA LEU E 133 18.04 14.51 -40.39
C LEU E 133 17.66 14.13 -38.96
N HIS E 134 16.61 13.34 -38.82
CA HIS E 134 16.21 12.96 -37.47
C HIS E 134 17.30 12.10 -36.82
N GLU E 135 17.86 11.19 -37.59
CA GLU E 135 18.92 10.34 -37.08
C GLU E 135 20.18 11.14 -36.65
N ARG E 136 20.59 12.13 -37.46
N ARG E 136 20.57 12.13 -37.46
CA ARG E 136 21.78 12.89 -37.06
CA ARG E 136 21.74 12.93 -37.12
C ARG E 136 21.50 13.82 -35.87
C ARG E 136 21.50 13.75 -35.85
N LEU E 137 20.23 14.01 -35.55
CA LEU E 137 19.85 14.77 -34.35
C LEU E 137 19.79 13.90 -33.09
N GLY E 138 19.93 12.58 -33.27
CA GLY E 138 19.87 11.67 -32.14
C GLY E 138 18.53 10.97 -31.93
N PHE E 139 17.61 11.14 -32.87
CA PHE E 139 16.34 10.39 -32.87
C PHE E 139 16.65 8.94 -33.20
N GLN E 140 15.95 8.01 -32.56
CA GLN E 140 16.09 6.58 -32.84
C GLN E 140 14.77 6.06 -33.44
N HIS E 141 14.88 5.25 -34.48
CA HIS E 141 13.72 4.60 -35.06
C HIS E 141 13.20 3.55 -34.08
N ILE E 142 11.93 3.67 -33.67
CA ILE E 142 11.39 2.74 -32.67
C ILE E 142 10.26 1.86 -33.24
N GLY E 143 9.83 2.14 -34.47
CA GLY E 143 8.84 1.30 -35.09
C GLY E 143 8.27 1.92 -36.37
N THR E 144 7.61 1.09 -37.16
CA THR E 144 6.99 1.54 -38.40
C THR E 144 5.62 0.90 -38.57
N PHE E 145 4.59 1.73 -38.74
CA PHE E 145 3.24 1.24 -38.95
C PHE E 145 3.09 1.04 -40.46
N PRO E 146 3.10 -0.22 -40.93
CA PRO E 146 3.12 -0.51 -42.37
C PRO E 146 1.74 -0.27 -43.02
N GLN E 147 1.71 0.37 -44.19
CA GLN E 147 0.50 0.57 -44.98
C GLN E 147 -0.67 1.19 -44.19
N VAL E 148 -0.35 2.09 -43.27
CA VAL E 148 -1.30 2.52 -42.30
C VAL E 148 -2.25 3.60 -42.85
N GLY E 149 -1.76 4.39 -43.80
CA GLY E 149 -2.57 5.42 -44.41
C GLY E 149 -2.74 5.26 -45.92
N PHE E 150 -3.90 5.64 -46.44
CA PHE E 150 -4.11 5.64 -47.87
C PHE E 150 -4.31 7.06 -48.33
N LYS E 151 -3.47 7.50 -49.25
CA LYS E 151 -3.51 8.83 -49.76
C LYS E 151 -2.86 8.90 -51.17
N LEU E 152 -3.49 9.63 -52.07
CA LEU E 152 -2.96 9.81 -53.44
C LEU E 152 -2.61 8.50 -54.12
N ASP E 153 -3.58 7.58 -54.19
CA ASP E 153 -3.46 6.30 -54.93
C ASP E 153 -2.52 5.26 -54.36
N ALA E 154 -1.99 5.50 -53.16
CA ALA E 154 -1.08 4.52 -52.57
C ALA E 154 -1.24 4.42 -51.07
N TRP E 155 -0.89 3.26 -50.53
CA TRP E 155 -0.86 3.02 -49.09
C TRP E 155 0.52 3.48 -48.58
N HIS E 156 0.58 3.96 -47.35
CA HIS E 156 1.83 4.49 -46.81
C HIS E 156 2.18 3.97 -45.44
N ASP E 157 3.45 3.60 -45.27
CA ASP E 157 4.02 3.34 -43.97
C ASP E 157 4.34 4.64 -43.26
N VAL E 158 4.18 4.66 -41.94
CA VAL E 158 4.62 5.79 -41.13
C VAL E 158 5.52 5.24 -40.02
N GLY E 159 6.76 5.73 -39.97
CA GLY E 159 7.72 5.31 -38.95
C GLY E 159 7.81 6.38 -37.86
N TYR E 160 8.10 5.95 -36.64
CA TYR E 160 8.31 6.85 -35.51
C TYR E 160 9.75 6.90 -35.07
N TRP E 161 10.22 8.14 -34.88
CA TRP E 161 11.53 8.41 -34.38
C TRP E 161 11.43 9.07 -33.02
N ARG E 162 12.26 8.64 -32.09
CA ARG E 162 12.19 9.09 -30.72
C ARG E 162 13.45 9.87 -30.30
N PHE E 163 13.27 11.05 -29.75
CA PHE E 163 14.35 11.74 -29.06
C PHE E 163 14.13 11.63 -27.56
N ASP E 164 15.05 10.96 -26.86
CA ASP E 164 14.97 10.76 -25.42
C ASP E 164 15.65 11.91 -24.67
N PHE E 165 14.92 12.62 -23.83
CA PHE E 165 15.49 13.69 -23.04
C PHE E 165 16.23 13.19 -21.78
N GLY E 166 16.08 11.88 -21.49
CA GLY E 166 16.70 11.29 -20.31
C GLY E 166 16.00 11.77 -19.03
N ASP E 167 16.59 11.43 -17.89
CA ASP E 167 15.98 11.72 -16.60
C ASP E 167 14.57 11.11 -16.47
N GLU E 168 14.49 9.83 -16.79
CA GLU E 168 13.31 9.08 -16.47
C GLU E 168 13.52 8.56 -15.05
N GLY E 169 13.43 9.49 -14.10
CA GLY E 169 13.72 9.20 -12.68
C GLY E 169 12.44 8.75 -12.00
N LEU E 170 12.44 8.81 -10.66
CA LEU E 170 11.35 8.19 -9.87
C LEU E 170 10.25 9.15 -9.48
N HIS E 171 10.48 10.45 -9.61
CA HIS E 171 9.47 11.40 -9.19
C HIS E 171 9.30 12.50 -10.20
N PRO E 172 8.95 12.15 -11.45
CA PRO E 172 8.84 13.23 -12.44
C PRO E 172 7.73 14.21 -12.06
N GLU E 173 7.98 15.50 -12.27
CA GLU E 173 6.96 16.53 -12.14
C GLU E 173 6.25 16.70 -13.49
N ALA E 174 4.95 16.97 -13.47
CA ALA E 174 4.20 17.13 -14.71
C ALA E 174 4.85 18.24 -15.55
N PRO E 175 4.83 18.12 -16.88
CA PRO E 175 5.50 19.15 -17.69
C PRO E 175 4.73 20.45 -17.59
N LEU E 176 5.40 21.57 -17.83
CA LEU E 176 4.73 22.86 -17.75
C LEU E 176 4.33 23.40 -19.15
N GLY E 177 3.29 24.23 -19.19
CA GLY E 177 2.91 24.89 -20.40
C GLY E 177 3.97 25.94 -20.83
N PHE E 178 4.21 26.01 -22.14
CA PHE E 178 5.08 27.02 -22.73
C PHE E 178 4.63 28.44 -22.32
N LEU E 179 5.52 29.22 -21.74
CA LEU E 179 5.15 30.51 -21.12
C LEU E 179 4.06 30.34 -20.03
N SER E 180 4.11 29.20 -19.37
CA SER E 180 3.53 28.87 -18.02
C SER E 180 1.99 28.66 -17.87
N GLN E 181 1.18 29.40 -17.08
CA GLN E 181 1.49 30.59 -16.27
C GLN E 181 1.34 30.31 -14.77
N GLY F 4 -45.25 -37.28 24.57
CA GLY F 4 -46.02 -36.01 24.46
C GLY F 4 -45.19 -34.84 25.00
N ILE F 5 -44.86 -33.89 24.13
CA ILE F 5 -44.15 -32.68 24.53
C ILE F 5 -45.13 -31.53 24.83
N ASP F 6 -45.00 -30.93 26.00
CA ASP F 6 -45.82 -29.78 26.37
C ASP F 6 -44.95 -28.50 26.47
N ILE F 7 -45.37 -27.43 25.78
CA ILE F 7 -44.63 -26.16 25.83
C ILE F 7 -45.28 -25.14 26.77
N ARG F 8 -44.50 -24.55 27.67
CA ARG F 8 -45.04 -23.55 28.61
C ARG F 8 -44.02 -22.42 28.73
N VAL F 9 -44.43 -21.27 29.19
CA VAL F 9 -43.41 -20.22 29.41
C VAL F 9 -42.54 -20.54 30.60
N ALA F 10 -41.24 -20.29 30.43
CA ALA F 10 -40.24 -20.67 31.43
C ALA F 10 -40.34 -19.80 32.68
N ARG F 11 -39.68 -20.28 33.74
CA ARG F 11 -39.63 -19.55 35.01
C ARG F 11 -38.24 -19.79 35.61
N PRO F 12 -37.79 -18.89 36.50
CA PRO F 12 -36.46 -19.07 37.12
C PRO F 12 -36.33 -20.39 37.88
N GLU F 13 -37.43 -20.89 38.42
CA GLU F 13 -37.42 -22.22 39.01
C GLU F 13 -36.98 -23.32 38.00
N ASP F 14 -37.07 -23.04 36.70
CA ASP F 14 -36.58 -24.03 35.68
C ASP F 14 -35.07 -24.04 35.53
N ALA F 15 -34.39 -23.16 36.28
CA ALA F 15 -32.97 -22.94 36.07
C ALA F 15 -32.16 -24.20 36.23
N GLU F 16 -32.53 -25.05 37.18
CA GLU F 16 -31.77 -26.28 37.39
C GLU F 16 -31.78 -27.19 36.14
N GLU F 17 -32.95 -27.43 35.58
CA GLU F 17 -33.06 -28.38 34.48
C GLU F 17 -32.59 -27.76 33.17
N ILE F 18 -32.66 -26.44 33.12
CA ILE F 18 -32.13 -25.71 31.98
C ILE F 18 -30.61 -25.80 31.98
N GLN F 19 -29.99 -25.54 33.13
CA GLN F 19 -28.54 -25.53 33.19
C GLN F 19 -27.95 -26.91 32.90
N ILE F 20 -28.68 -27.94 33.28
CA ILE F 20 -28.15 -29.28 33.11
C ILE F 20 -28.16 -29.67 31.61
N ILE F 21 -29.11 -29.11 30.88
CA ILE F 21 -29.17 -29.26 29.43
C ILE F 21 -28.03 -28.45 28.82
N TYR F 22 -27.88 -27.22 29.30
CA TYR F 22 -26.93 -26.31 28.70
C TYR F 22 -25.44 -26.61 28.96
N ALA F 23 -25.13 -27.18 30.13
CA ALA F 23 -23.72 -27.49 30.48
C ALA F 23 -22.97 -28.33 29.44
N PRO F 24 -23.51 -29.52 29.05
CA PRO F 24 -22.77 -30.31 28.07
C PRO F 24 -22.71 -29.65 26.70
N ILE F 25 -23.66 -28.76 26.42
CA ILE F 25 -23.64 -28.07 25.13
C ILE F 25 -22.43 -27.14 25.10
N VAL F 26 -22.24 -26.41 26.20
CA VAL F 26 -21.07 -25.56 26.38
C VAL F 26 -19.74 -26.35 26.43
N LEU F 27 -19.71 -27.46 27.17
CA LEU F 27 -18.47 -28.21 27.40
C LEU F 27 -18.04 -29.03 26.19
N ASN F 28 -19.01 -29.63 25.48
CA ASN F 28 -18.70 -30.66 24.51
C ASN F 28 -19.01 -30.35 23.04
N THR F 29 -19.65 -29.22 22.78
CA THR F 29 -20.06 -28.90 21.41
C THR F 29 -19.77 -27.44 21.00
N ALA F 30 -19.93 -27.18 19.71
CA ALA F 30 -19.86 -25.84 19.17
C ALA F 30 -21.27 -25.27 18.99
N ILE F 31 -22.29 -25.96 19.50
CA ILE F 31 -23.68 -25.47 19.42
C ILE F 31 -23.84 -24.12 20.18
N SER F 32 -23.08 -23.96 21.25
CA SER F 32 -22.92 -22.66 21.89
C SER F 32 -21.45 -22.23 21.85
N PHE F 33 -21.23 -20.97 21.52
CA PHE F 33 -19.90 -20.40 21.48
C PHE F 33 -19.44 -19.85 22.83
N GLU F 34 -20.25 -20.02 23.87
CA GLU F 34 -19.76 -19.87 25.25
C GLU F 34 -18.73 -20.96 25.54
N GLU F 35 -17.76 -20.65 26.39
CA GLU F 35 -16.71 -21.60 26.80
C GLU F 35 -16.87 -22.07 28.25
N ALA F 36 -17.24 -21.12 29.11
CA ALA F 36 -17.42 -21.34 30.53
C ALA F 36 -18.87 -21.68 30.83
N VAL F 37 -19.09 -22.70 31.66
CA VAL F 37 -20.47 -23.08 32.01
C VAL F 37 -21.07 -22.07 33.00
N PRO F 38 -22.23 -21.52 32.67
CA PRO F 38 -22.84 -20.58 33.59
C PRO F 38 -23.45 -21.33 34.78
N SER F 39 -23.39 -20.73 35.95
CA SER F 39 -23.92 -21.31 37.17
C SER F 39 -25.44 -21.36 37.10
N VAL F 40 -26.06 -22.19 37.95
CA VAL F 40 -27.51 -22.16 38.06
C VAL F 40 -28.05 -20.75 38.39
N GLU F 41 -27.40 -20.04 39.30
CA GLU F 41 -27.83 -18.66 39.61
C GLU F 41 -27.71 -17.75 38.38
N GLN F 42 -26.68 -17.98 37.55
CA GLN F 42 -26.57 -17.21 36.33
C GLN F 42 -27.72 -17.52 35.37
N MET F 43 -28.08 -18.80 35.25
CA MET F 43 -29.22 -19.17 34.40
C MET F 43 -30.53 -18.55 34.92
N ARG F 44 -30.73 -18.55 36.24
CA ARG F 44 -31.87 -17.87 36.84
C ARG F 44 -31.96 -16.41 36.36
N GLU F 45 -30.87 -15.68 36.49
CA GLU F 45 -30.86 -14.25 36.13
C GLU F 45 -31.07 -14.05 34.62
N ARG F 46 -30.56 -14.97 33.80
CA ARG F 46 -30.77 -14.91 32.36
C ARG F 46 -32.23 -15.06 31.98
N ILE F 47 -32.90 -16.01 32.64
CA ILE F 47 -34.31 -16.28 32.38
C ILE F 47 -35.13 -15.04 32.74
N SER F 48 -34.85 -14.52 33.92
CA SER F 48 -35.59 -13.39 34.45
C SER F 48 -35.32 -12.14 33.61
N THR F 49 -34.06 -11.93 33.27
CA THR F 49 -33.70 -10.80 32.40
C THR F 49 -34.43 -10.92 31.04
N THR F 50 -34.35 -12.07 30.40
CA THR F 50 -34.98 -12.21 29.10
C THR F 50 -36.50 -11.89 29.17
N LEU F 51 -37.17 -12.38 30.21
CA LEU F 51 -38.63 -12.23 30.34
C LEU F 51 -39.12 -10.77 30.55
N GLN F 52 -38.22 -9.90 31.00
CA GLN F 52 -38.52 -8.48 31.06
C GLN F 52 -38.92 -7.92 29.70
N THR F 53 -38.47 -8.54 28.61
CA THR F 53 -38.98 -8.10 27.28
C THR F 53 -39.39 -9.20 26.28
N TYR F 54 -38.81 -10.39 26.40
CA TYR F 54 -39.01 -11.44 25.39
C TYR F 54 -39.55 -12.75 25.95
N PRO F 55 -40.19 -13.56 25.09
CA PRO F 55 -40.58 -14.88 25.48
C PRO F 55 -39.40 -15.82 25.73
N TYR F 56 -39.58 -16.67 26.74
CA TYR F 56 -38.61 -17.72 27.05
C TYR F 56 -39.49 -18.92 27.38
N LEU F 57 -39.26 -20.05 26.71
CA LEU F 57 -40.14 -21.19 26.78
C LEU F 57 -39.36 -22.45 27.07
N VAL F 58 -40.02 -23.41 27.71
CA VAL F 58 -39.46 -24.75 27.91
C VAL F 58 -40.39 -25.79 27.32
N ALA F 59 -39.79 -26.86 26.81
CA ALA F 59 -40.52 -28.05 26.43
C ALA F 59 -40.38 -29.07 27.53
N VAL F 60 -41.49 -29.58 28.03
CA VAL F 60 -41.46 -30.67 28.99
C VAL F 60 -41.98 -31.95 28.35
N ARG F 61 -41.31 -33.05 28.64
CA ARG F 61 -41.76 -34.37 28.23
C ARG F 61 -41.50 -35.28 29.39
N GLU F 62 -42.55 -36.00 29.81
CA GLU F 62 -42.50 -36.89 30.99
C GLU F 62 -42.01 -36.14 32.25
N GLY F 63 -42.60 -34.98 32.51
CA GLY F 63 -42.29 -34.20 33.70
C GLY F 63 -40.94 -33.49 33.72
N ARG F 64 -40.09 -33.76 32.74
CA ARG F 64 -38.76 -33.15 32.72
C ARG F 64 -38.57 -32.15 31.56
N VAL F 65 -37.87 -31.06 31.82
CA VAL F 65 -37.54 -30.09 30.78
C VAL F 65 -36.55 -30.72 29.80
N VAL F 66 -36.94 -30.85 28.54
CA VAL F 66 -36.11 -31.54 27.54
C VAL F 66 -35.52 -30.60 26.51
N GLY F 67 -36.03 -29.38 26.48
CA GLY F 67 -35.44 -28.33 25.68
C GLY F 67 -36.03 -26.97 26.05
N TYR F 68 -35.42 -25.92 25.50
CA TYR F 68 -35.91 -24.58 25.77
C TYR F 68 -35.57 -23.61 24.64
N ALA F 69 -36.32 -22.50 24.58
CA ALA F 69 -36.06 -21.50 23.53
C ALA F 69 -36.35 -20.09 24.02
N TYR F 70 -35.61 -19.12 23.52
CA TYR F 70 -35.88 -17.75 23.93
C TYR F 70 -35.50 -16.80 22.82
N ALA F 71 -35.96 -15.57 22.92
CA ALA F 71 -35.66 -14.57 21.95
C ALA F 71 -34.80 -13.52 22.62
N SER F 72 -34.07 -12.77 21.82
CA SER F 72 -33.17 -11.75 22.32
C SER F 72 -32.99 -10.70 21.24
N GLN F 73 -32.38 -9.57 21.61
CA GLN F 73 -32.19 -8.47 20.67
C GLN F 73 -31.23 -8.90 19.56
N HIS F 74 -31.58 -8.55 18.32
CA HIS F 74 -30.72 -8.87 17.17
C HIS F 74 -29.46 -7.98 17.09
N ARG F 75 -29.66 -6.66 17.05
CA ARG F 75 -28.56 -5.71 17.18
C ARG F 75 -28.99 -4.50 17.97
N ALA F 76 -28.04 -3.71 18.45
CA ALA F 76 -28.40 -2.62 19.39
C ALA F 76 -29.04 -1.38 18.75
N ARG F 77 -28.59 -1.02 17.55
CA ARG F 77 -29.00 0.29 16.99
C ARG F 77 -30.49 0.34 16.60
N ALA F 78 -31.07 1.53 16.69
CA ALA F 78 -32.53 1.69 16.72
C ALA F 78 -33.25 1.11 15.54
N ALA F 79 -32.74 1.34 14.33
CA ALA F 79 -33.37 0.86 13.12
C ALA F 79 -33.50 -0.67 13.04
N TYR F 80 -32.77 -1.39 13.89
CA TYR F 80 -32.86 -2.85 13.94
C TYR F 80 -33.98 -3.39 14.83
N ARG F 81 -34.80 -2.50 15.41
CA ARG F 81 -35.69 -2.97 16.47
C ARG F 81 -36.84 -3.93 16.09
N TRP F 82 -37.07 -4.12 14.80
CA TRP F 82 -38.10 -5.04 14.34
C TRP F 82 -37.52 -6.40 14.03
N ALA F 83 -36.19 -6.49 14.10
CA ALA F 83 -35.47 -7.74 14.01
C ALA F 83 -35.25 -8.35 15.43
N VAL F 84 -35.34 -9.67 15.53
CA VAL F 84 -35.14 -10.32 16.83
C VAL F 84 -34.39 -11.64 16.60
N ASP F 85 -33.58 -12.06 17.56
CA ASP F 85 -32.80 -13.31 17.45
C ASP F 85 -33.60 -14.37 18.17
N VAL F 86 -33.48 -15.63 17.74
CA VAL F 86 -34.07 -16.75 18.46
C VAL F 86 -33.02 -17.83 18.68
N THR F 87 -33.10 -18.47 19.83
CA THR F 87 -32.16 -19.49 20.23
C THR F 87 -32.95 -20.67 20.81
N VAL F 88 -32.55 -21.88 20.43
CA VAL F 88 -33.22 -23.09 20.89
C VAL F 88 -32.13 -24.04 21.28
N TYR F 89 -32.26 -24.70 22.45
CA TYR F 89 -31.37 -25.80 22.82
C TYR F 89 -32.20 -27.02 23.25
N VAL F 90 -31.67 -28.21 22.91
CA VAL F 90 -32.36 -29.48 23.14
C VAL F 90 -31.45 -30.44 23.93
N ALA F 91 -32.01 -31.21 24.85
CA ALA F 91 -31.19 -32.09 25.68
C ALA F 91 -30.41 -33.11 24.80
N GLU F 92 -29.15 -33.33 25.18
CA GLU F 92 -28.30 -34.43 24.70
C GLU F 92 -29.17 -35.69 24.59
N GLY F 93 -29.11 -36.35 23.45
CA GLY F 93 -29.86 -37.60 23.29
C GLY F 93 -31.36 -37.41 23.01
N GLN F 94 -31.82 -36.17 22.91
CA GLN F 94 -33.24 -35.92 22.69
C GLN F 94 -33.44 -35.12 21.40
N ARG F 95 -32.37 -34.94 20.65
CA ARG F 95 -32.40 -34.14 19.44
C ARG F 95 -33.09 -34.89 18.31
N ARG F 96 -33.50 -34.13 17.29
CA ARG F 96 -34.07 -34.69 16.07
C ARG F 96 -35.36 -35.50 16.31
N SER F 97 -35.96 -35.37 17.50
CA SER F 97 -37.37 -35.68 17.64
C SER F 97 -38.14 -34.35 17.48
N GLY F 98 -39.25 -34.15 18.15
CA GLY F 98 -40.01 -32.92 17.75
C GLY F 98 -39.81 -31.69 18.62
N ILE F 99 -38.77 -31.69 19.46
CA ILE F 99 -38.65 -30.63 20.51
C ILE F 99 -38.47 -29.20 19.99
N ALA F 100 -37.39 -28.96 19.23
CA ALA F 100 -37.15 -27.61 18.69
C ALA F 100 -38.35 -27.13 17.83
N ARG F 101 -38.83 -28.01 16.99
CA ARG F 101 -39.98 -27.73 16.18
C ARG F 101 -41.21 -27.28 17.00
N GLN F 102 -41.50 -27.98 18.11
CA GLN F 102 -42.66 -27.61 18.89
C GLN F 102 -42.41 -26.31 19.68
N LEU F 103 -41.15 -26.08 20.05
CA LEU F 103 -40.78 -24.82 20.67
C LEU F 103 -41.00 -23.67 19.70
N TYR F 104 -40.52 -23.84 18.47
CA TYR F 104 -40.70 -22.82 17.44
C TYR F 104 -42.17 -22.56 17.07
N ASP F 105 -43.00 -23.61 17.05
CA ASP F 105 -44.42 -23.49 16.70
C ASP F 105 -45.17 -22.62 17.71
N VAL F 106 -44.56 -22.41 18.86
CA VAL F 106 -45.16 -21.56 19.85
C VAL F 106 -44.42 -20.20 19.79
N LEU F 107 -43.10 -20.27 19.70
CA LEU F 107 -42.27 -19.08 19.81
C LEU F 107 -42.54 -18.10 18.65
N LEU F 108 -42.54 -18.59 17.43
CA LEU F 108 -42.76 -17.76 16.25
C LEU F 108 -44.07 -16.93 16.26
N PRO F 109 -45.24 -17.57 16.43
CA PRO F 109 -46.46 -16.74 16.43
C PRO F 109 -46.46 -15.70 17.59
N VAL F 110 -45.87 -16.04 18.73
CA VAL F 110 -45.73 -15.07 19.80
C VAL F 110 -45.00 -13.83 19.27
N LEU F 111 -43.86 -14.06 18.61
CA LEU F 111 -43.05 -12.93 18.14
C LEU F 111 -43.76 -12.12 17.02
N LYS F 112 -44.56 -12.79 16.22
CA LYS F 112 -45.38 -12.10 15.21
C LYS F 112 -46.32 -11.14 15.90
N ARG F 113 -47.10 -11.67 16.84
CA ARG F 113 -48.09 -10.88 17.56
C ARG F 113 -47.45 -9.75 18.31
N LEU F 114 -46.18 -9.89 18.69
CA LEU F 114 -45.49 -8.83 19.44
C LEU F 114 -45.06 -7.70 18.51
N GLY F 115 -45.11 -7.95 17.20
CA GLY F 115 -44.76 -6.92 16.24
C GLY F 115 -43.42 -7.00 15.54
N TYR F 116 -42.65 -8.07 15.80
CA TYR F 116 -41.37 -8.25 15.11
C TYR F 116 -41.56 -8.60 13.63
N ARG F 117 -40.62 -8.21 12.80
CA ARG F 117 -40.76 -8.44 11.37
C ARG F 117 -39.94 -9.60 10.85
N SER F 118 -38.84 -9.93 11.53
CA SER F 118 -38.10 -11.16 11.23
C SER F 118 -37.36 -11.71 12.43
N ALA F 119 -37.18 -13.03 12.47
CA ALA F 119 -36.38 -13.69 13.49
C ALA F 119 -35.16 -14.32 12.81
N TYR F 120 -34.03 -14.31 13.52
CA TYR F 120 -32.79 -14.92 13.03
C TYR F 120 -32.28 -15.99 14.00
N ALA F 121 -32.00 -17.16 13.46
CA ALA F 121 -31.31 -18.21 14.20
C ALA F 121 -29.90 -18.37 13.66
N GLY F 122 -28.96 -18.50 14.56
CA GLY F 122 -27.59 -18.82 14.21
C GLY F 122 -27.37 -20.32 14.37
N ILE F 123 -26.75 -20.96 13.38
CA ILE F 123 -26.47 -22.37 13.48
C ILE F 123 -25.02 -22.67 13.18
N ALA F 124 -24.27 -23.19 14.19
CA ALA F 124 -22.91 -23.64 13.97
C ALA F 124 -22.95 -24.81 12.97
N LEU F 125 -22.10 -24.78 11.94
CA LEU F 125 -22.17 -25.79 10.90
C LEU F 125 -20.95 -26.72 10.87
N PRO F 126 -21.11 -27.98 10.41
CA PRO F 126 -22.34 -28.54 9.84
C PRO F 126 -23.28 -29.01 10.96
N ASN F 127 -24.58 -28.98 10.65
CA ASN F 127 -25.64 -29.49 11.50
C ASN F 127 -26.86 -29.69 10.59
N GLU F 128 -26.86 -30.80 9.86
CA GLU F 128 -27.94 -31.07 8.92
C GLU F 128 -29.29 -31.20 9.61
N GLY F 129 -29.32 -31.75 10.82
CA GLY F 129 -30.57 -31.87 11.55
C GLY F 129 -31.22 -30.53 11.80
N SER F 130 -30.49 -29.63 12.47
CA SER F 130 -31.01 -28.32 12.79
C SER F 130 -31.30 -27.50 11.49
N VAL F 131 -30.42 -27.59 10.51
CA VAL F 131 -30.67 -26.89 9.25
C VAL F 131 -31.97 -27.41 8.59
N GLY F 132 -32.14 -28.73 8.54
CA GLY F 132 -33.36 -29.30 7.99
C GLY F 132 -34.58 -28.79 8.74
N LEU F 133 -34.52 -28.90 10.06
CA LEU F 133 -35.62 -28.49 10.89
C LEU F 133 -36.00 -26.98 10.66
N HIS F 134 -35.01 -26.09 10.60
CA HIS F 134 -35.27 -24.67 10.37
C HIS F 134 -35.89 -24.39 8.99
N GLU F 135 -35.39 -25.09 7.98
CA GLU F 135 -35.89 -24.92 6.63
C GLU F 135 -37.32 -25.48 6.48
N ARG F 136 -37.61 -26.61 7.11
CA ARG F 136 -38.99 -27.09 7.18
C ARG F 136 -39.97 -26.04 7.78
N LEU F 137 -39.54 -25.30 8.80
CA LEU F 137 -40.38 -24.32 9.44
C LEU F 137 -40.60 -23.09 8.57
N GLY F 138 -39.81 -22.94 7.50
CA GLY F 138 -39.89 -21.80 6.61
C GLY F 138 -38.77 -20.75 6.77
N PHE F 139 -37.73 -21.08 7.56
CA PHE F 139 -36.57 -20.20 7.64
C PHE F 139 -35.80 -20.30 6.30
N GLN F 140 -35.20 -19.18 5.87
CA GLN F 140 -34.35 -19.15 4.68
C GLN F 140 -32.89 -18.86 5.06
N HIS F 141 -31.95 -19.62 4.51
CA HIS F 141 -30.55 -19.37 4.75
C HIS F 141 -30.14 -18.04 4.12
N ILE F 142 -29.49 -17.14 4.87
CA ILE F 142 -29.16 -15.84 4.28
C ILE F 142 -27.67 -15.53 4.28
N GLY F 143 -26.86 -16.44 4.82
CA GLY F 143 -25.44 -16.20 4.93
C GLY F 143 -24.71 -17.09 5.90
N THR F 144 -23.41 -17.20 5.69
CA THR F 144 -22.54 -18.03 6.52
C THR F 144 -21.23 -17.31 6.80
N PHE F 145 -20.96 -17.09 8.09
CA PHE F 145 -19.70 -16.54 8.55
C PHE F 145 -18.70 -17.70 8.71
N PRO F 146 -17.80 -17.89 7.74
CA PRO F 146 -16.94 -19.11 7.75
C PRO F 146 -15.82 -18.96 8.76
N GLN F 147 -15.53 -20.01 9.52
CA GLN F 147 -14.39 -20.01 10.43
C GLN F 147 -14.42 -18.86 11.41
N VAL F 148 -15.62 -18.42 11.79
CA VAL F 148 -15.74 -17.23 12.58
C VAL F 148 -15.42 -17.48 14.06
N GLY F 149 -15.54 -18.73 14.47
CA GLY F 149 -15.27 -19.10 15.88
C GLY F 149 -14.21 -20.21 15.98
N PHE F 150 -13.46 -20.19 17.06
CA PHE F 150 -12.61 -21.28 17.38
C PHE F 150 -13.05 -21.81 18.75
N LYS F 151 -13.31 -23.10 18.81
CA LYS F 151 -13.67 -23.77 20.05
C LYS F 151 -13.40 -25.28 19.89
N LEU F 152 -12.92 -25.92 20.97
CA LEU F 152 -12.66 -27.35 20.96
C LEU F 152 -11.79 -27.76 19.77
N ASP F 153 -10.66 -27.08 19.63
CA ASP F 153 -9.60 -27.42 18.67
C ASP F 153 -9.95 -27.25 17.20
N ALA F 154 -11.00 -26.49 16.90
CA ALA F 154 -11.38 -26.31 15.52
C ALA F 154 -12.04 -24.96 15.32
N TRP F 155 -11.93 -24.47 14.08
CA TRP F 155 -12.64 -23.29 13.65
C TRP F 155 -14.03 -23.69 13.15
N HIS F 156 -15.05 -22.87 13.44
CA HIS F 156 -16.42 -23.23 13.10
C HIS F 156 -17.13 -22.18 12.25
N ASP F 157 -17.86 -22.65 11.25
CA ASP F 157 -18.68 -21.79 10.44
C ASP F 157 -19.98 -21.54 11.21
N VAL F 158 -20.53 -20.34 11.12
CA VAL F 158 -21.88 -20.09 11.64
C VAL F 158 -22.80 -19.52 10.54
N GLY F 159 -23.86 -20.23 10.22
CA GLY F 159 -24.84 -19.72 9.26
C GLY F 159 -26.08 -19.15 9.93
N TYR F 160 -26.72 -18.21 9.23
CA TYR F 160 -27.94 -17.55 9.72
C TYR F 160 -29.16 -17.87 8.88
N TRP F 161 -30.24 -18.15 9.58
CA TRP F 161 -31.50 -18.49 8.98
C TRP F 161 -32.53 -17.51 9.44
N ARG F 162 -33.36 -17.09 8.49
CA ARG F 162 -34.28 -16.00 8.74
C ARG F 162 -35.73 -16.44 8.55
N PHE F 163 -36.55 -16.22 9.57
CA PHE F 163 -37.97 -16.39 9.43
C PHE F 163 -38.57 -15.02 9.23
N ASP F 164 -39.21 -14.83 8.07
CA ASP F 164 -39.81 -13.53 7.76
C ASP F 164 -41.27 -13.53 8.23
N PHE F 165 -41.61 -12.64 9.16
CA PHE F 165 -43.00 -12.51 9.61
C PHE F 165 -43.92 -11.81 8.61
N GLY F 166 -43.36 -11.19 7.58
CA GLY F 166 -44.15 -10.33 6.69
C GLY F 166 -44.37 -8.95 7.32
N ASP F 167 -45.33 -8.22 6.78
CA ASP F 167 -45.71 -6.87 7.24
C ASP F 167 -44.54 -5.89 7.31
N GLU F 168 -43.72 -5.89 6.27
CA GLU F 168 -42.76 -4.79 6.12
C GLU F 168 -43.44 -3.63 5.35
N GLY F 169 -44.39 -2.98 6.02
CA GLY F 169 -45.10 -1.87 5.45
C GLY F 169 -44.47 -0.55 5.83
N LEU F 170 -45.13 0.56 5.48
CA LEU F 170 -44.47 1.86 5.53
C LEU F 170 -44.55 2.53 6.91
N HIS F 171 -45.41 2.02 7.79
CA HIS F 171 -45.59 2.64 9.08
C HIS F 171 -45.61 1.66 10.25
N PRO F 172 -44.45 1.07 10.57
CA PRO F 172 -44.42 0.02 11.59
C PRO F 172 -44.43 0.59 13.00
N GLU F 173 -45.20 -0.01 13.88
CA GLU F 173 -45.21 0.45 15.28
C GLU F 173 -44.18 -0.35 16.03
N ALA F 174 -43.69 0.18 17.15
CA ALA F 174 -42.67 -0.52 17.92
C ALA F 174 -43.17 -1.88 18.43
N PRO F 175 -42.27 -2.88 18.48
CA PRO F 175 -42.65 -4.17 19.08
C PRO F 175 -43.00 -4.03 20.56
N LEU F 176 -43.90 -4.88 21.02
CA LEU F 176 -44.36 -4.85 22.42
C LEU F 176 -43.60 -5.86 23.30
N GLY F 177 -43.57 -5.62 24.60
CA GLY F 177 -43.00 -6.57 25.51
C GLY F 177 -43.93 -7.77 25.65
N PHE F 178 -43.33 -8.95 25.76
CA PHE F 178 -43.98 -10.17 26.21
C PHE F 178 -44.18 -9.88 27.69
N LEU F 179 -45.39 -10.02 28.18
CA LEU F 179 -45.63 -9.75 29.63
C LEU F 179 -45.24 -8.31 30.09
N SER F 180 -45.86 -7.33 29.45
CA SER F 180 -45.40 -5.91 29.34
C SER F 180 -43.94 -5.52 29.67
N GLN F 181 -43.68 -4.19 29.54
CA GLN F 181 -42.46 -3.48 29.97
C GLN F 181 -41.84 -2.56 28.92
N ILE F 182 -42.09 -2.84 27.65
CA ILE F 182 -41.45 -2.00 26.64
C ILE F 182 -42.18 -0.67 26.55
AS BLJ G . 29.03 -6.53 10.75
O1 BLJ G . 27.16 -1.02 11.30
C1 BLJ G . 26.76 -1.78 10.37
OT BLJ G . 25.63 -1.60 9.80
CA BLJ G . 27.73 -2.89 9.97
N1 BLJ G . 28.77 -2.30 9.13
CB BLJ G . 28.51 -3.51 11.11
CG BLJ G . 28.08 -4.93 11.50
OEB BLJ G . 28.72 -6.21 8.78
OEA BLJ G . 30.87 -6.77 11.33
CE BLJ G . 28.34 -8.24 11.38
NA NA H . 25.29 -4.58 16.87
AS BLJ I . 23.10 8.42 23.42
O1 BLJ I . 23.28 6.80 17.52
C1 BLJ I . 23.43 7.92 18.09
OT BLJ I . 24.30 8.70 17.62
CA BLJ I . 22.50 8.22 19.29
N1 BLJ I . 21.10 7.97 18.86
CB BLJ I . 22.73 7.39 20.58
CG BLJ I . 23.75 7.92 21.60
OEB BLJ I . 22.83 10.32 23.17
OEA BLJ I . 21.43 7.55 23.87
CE BLJ I . 24.30 8.21 24.97
NA NA J . 28.32 3.37 21.46
NA NA K . -27.83 -7.28 10.55
NA NA L . 0.36 5.80 -37.02
#